data_7Z7U
# 
_entry.id   7Z7U 
# 
_audit_conform.dict_name       mmcif_pdbx.dic 
_audit_conform.dict_version    5.385 
_audit_conform.dict_location   http://mmcif.pdb.org/dictionaries/ascii/mmcif_pdbx.dic 
# 
loop_
_database_2.database_id 
_database_2.database_code 
_database_2.pdbx_database_accession 
_database_2.pdbx_DOI 
PDB   7Z7U         pdb_00007z7u 10.2210/pdb7z7u/pdb 
WWPDB D_1292120571 ?            ?                   
# 
loop_
_pdbx_audit_revision_history.ordinal 
_pdbx_audit_revision_history.data_content_type 
_pdbx_audit_revision_history.major_revision 
_pdbx_audit_revision_history.minor_revision 
_pdbx_audit_revision_history.revision_date 
1 'Structure model' 1 0 2023-03-29 
2 'Structure model' 1 1 2023-10-11 
3 'Structure model' 1 2 2024-02-07 
# 
_pdbx_audit_revision_details.ordinal             1 
_pdbx_audit_revision_details.revision_ordinal    1 
_pdbx_audit_revision_details.data_content_type   'Structure model' 
_pdbx_audit_revision_details.provider            repository 
_pdbx_audit_revision_details.type                'Initial release' 
_pdbx_audit_revision_details.description         ? 
_pdbx_audit_revision_details.details             ? 
# 
loop_
_pdbx_audit_revision_group.ordinal 
_pdbx_audit_revision_group.revision_ordinal 
_pdbx_audit_revision_group.data_content_type 
_pdbx_audit_revision_group.group 
1 2 'Structure model' 'Data collection'        
2 2 'Structure model' 'Database references'    
3 3 'Structure model' 'Refinement description' 
# 
loop_
_pdbx_audit_revision_category.ordinal 
_pdbx_audit_revision_category.revision_ordinal 
_pdbx_audit_revision_category.data_content_type 
_pdbx_audit_revision_category.category 
1 2 'Structure model' chem_comp_atom                
2 2 'Structure model' chem_comp_bond                
3 2 'Structure model' citation                      
4 2 'Structure model' citation_author               
5 3 'Structure model' pdbx_initial_refinement_model 
# 
loop_
_pdbx_audit_revision_item.ordinal 
_pdbx_audit_revision_item.revision_ordinal 
_pdbx_audit_revision_item.data_content_type 
_pdbx_audit_revision_item.item 
1  2 'Structure model' '_citation.journal_abbrev'          
2  2 'Structure model' '_citation.journal_id_CSD'          
3  2 'Structure model' '_citation.journal_id_ISSN'         
4  2 'Structure model' '_citation.journal_volume'          
5  2 'Structure model' '_citation.page_first'              
6  2 'Structure model' '_citation.page_last'               
7  2 'Structure model' '_citation.pdbx_database_id_DOI'    
8  2 'Structure model' '_citation.pdbx_database_id_PubMed' 
9  2 'Structure model' '_citation.title'                   
10 2 'Structure model' '_citation.year'                    
# 
_pdbx_database_status.status_code                     REL 
_pdbx_database_status.status_code_sf                  REL 
_pdbx_database_status.status_code_mr                  ? 
_pdbx_database_status.entry_id                        7Z7U 
_pdbx_database_status.recvd_initial_deposition_date   2022-03-16 
_pdbx_database_status.SG_entry                        N 
_pdbx_database_status.deposit_site                    PDBE 
_pdbx_database_status.process_site                    PDBE 
_pdbx_database_status.status_code_cs                  ? 
_pdbx_database_status.status_code_nmr_data            ? 
_pdbx_database_status.methods_development_category    ? 
_pdbx_database_status.pdb_format_compatible           Y 
# 
_pdbx_contact_author.id                 2 
_pdbx_contact_author.email              bohdan@ibt.cas.cz 
_pdbx_contact_author.name_first         Bohdan 
_pdbx_contact_author.name_last          Schneider 
_pdbx_contact_author.name_mi            ? 
_pdbx_contact_author.role               'principal investigator/group leader' 
_pdbx_contact_author.identifier_ORCID   0000-0001-7855-3690 
# 
loop_
_audit_author.name 
_audit_author.pdbx_ordinal 
_audit_author.identifier_ORCID 
'Svoboda, J.'   1 0000-0003-3056-2357 
'Kolenko, P.'   2 0000-0002-4619-9276 
'Berdar, D.'    3 ?                   
'Schneider, B.' 4 0000-0001-7855-3690 
# 
_citation.abstract                  ? 
_citation.abstract_id_CAS           ? 
_citation.book_id_ISBN              ? 
_citation.book_publisher            ? 
_citation.book_publisher_city       ? 
_citation.book_title                ? 
_citation.coordinate_linkage        ? 
_citation.country                   ? 
_citation.database_id_Medline       ? 
_citation.details                   ? 
_citation.id                        primary 
_citation.journal_abbrev            'Acta Crystallogr D Struct Biol' 
_citation.journal_id_ASTM           ? 
_citation.journal_id_CSD            ? 
_citation.journal_id_ISSN           2059-7983 
_citation.journal_full              ? 
_citation.journal_issue             ? 
_citation.journal_volume            79 
_citation.language                  ? 
_citation.page_first                655 
_citation.page_last                 665 
_citation.title                     'Conformation-based refinement of 18-mer DNA structures.' 
_citation.year                      2023 
_citation.database_id_CSD           ? 
_citation.pdbx_database_id_DOI      10.1107/S2059798323004679 
_citation.pdbx_database_id_PubMed   37338420 
_citation.pdbx_database_id_patent   ? 
_citation.unpublished_flag          ? 
# 
loop_
_citation_author.citation_id 
_citation_author.name 
_citation_author.ordinal 
_citation_author.identifier_ORCID 
primary 'Svoboda, J.'   1 0000-0003-3056-2357 
primary 'Berdar, D.'    2 ?                   
primary 'Kolenko, P.'   3 0000-0002-4619-9276 
primary 'Cerny, J.'     4 0000-0002-1969-9304 
primary 'Novakova, Z.'  5 0000-0001-9804-6346 
primary 'Pavlicek, J.'  6 ?                   
primary 'Schneider, B.' 7 0000-0001-7855-3690 
# 
loop_
_entity.id 
_entity.type 
_entity.src_method 
_entity.pdbx_description 
_entity.formula_weight 
_entity.pdbx_number_of_molecules 
_entity.pdbx_ec 
_entity.pdbx_mutation 
_entity.pdbx_fragment 
_entity.details 
1 polymer     syn 'Chom18-CG DNA' 5519.542 1 ? ? ? ? 
2 non-polymer syn 'STRONTIUM ION' 87.620   1 ? ? ? ? 
# 
_entity_poly.entity_id                      1 
_entity_poly.type                           polydeoxyribonucleotide 
_entity_poly.nstd_linkage                   no 
_entity_poly.nstd_monomer                   no 
_entity_poly.pdbx_seq_one_letter_code       '(DG)(DG)(DT)(DG)(DG)(DG)(DG)(DC)(DC)(DG)(DG)(DC)(DC)(DC)(DC)(DA)(DC)(DC)' 
_entity_poly.pdbx_seq_one_letter_code_can   GGTGGGGCCGGCCCCACC 
_entity_poly.pdbx_strand_id                 A 
_entity_poly.pdbx_target_identifier         ? 
# 
_pdbx_entity_nonpoly.entity_id   2 
_pdbx_entity_nonpoly.name        'STRONTIUM ION' 
_pdbx_entity_nonpoly.comp_id     SR 
# 
loop_
_entity_poly_seq.entity_id 
_entity_poly_seq.num 
_entity_poly_seq.mon_id 
_entity_poly_seq.hetero 
1 1  DG n 
1 2  DG n 
1 3  DT n 
1 4  DG n 
1 5  DG n 
1 6  DG n 
1 7  DG n 
1 8  DC n 
1 9  DC n 
1 10 DG n 
1 11 DG n 
1 12 DC n 
1 13 DC n 
1 14 DC n 
1 15 DC n 
1 16 DA n 
1 17 DC n 
1 18 DC n 
# 
_pdbx_entity_src_syn.entity_id              1 
_pdbx_entity_src_syn.pdbx_src_id            1 
_pdbx_entity_src_syn.pdbx_alt_source_flag   sample 
_pdbx_entity_src_syn.pdbx_beg_seq_num       1 
_pdbx_entity_src_syn.pdbx_end_seq_num       18 
_pdbx_entity_src_syn.organism_scientific    'Cardiobacterium hominis' 
_pdbx_entity_src_syn.organism_common_name   ? 
_pdbx_entity_src_syn.ncbi_taxonomy_id       2718 
_pdbx_entity_src_syn.details                ? 
# 
loop_
_chem_comp.id 
_chem_comp.type 
_chem_comp.mon_nstd_flag 
_chem_comp.name 
_chem_comp.pdbx_synonyms 
_chem_comp.formula 
_chem_comp.formula_weight 
DA 'DNA linking' y "2'-DEOXYADENOSINE-5'-MONOPHOSPHATE" ? 'C10 H14 N5 O6 P' 331.222 
DC 'DNA linking' y "2'-DEOXYCYTIDINE-5'-MONOPHOSPHATE"  ? 'C9 H14 N3 O7 P'  307.197 
DG 'DNA linking' y "2'-DEOXYGUANOSINE-5'-MONOPHOSPHATE" ? 'C10 H14 N5 O7 P' 347.221 
DT 'DNA linking' y "THYMIDINE-5'-MONOPHOSPHATE"         ? 'C10 H15 N2 O8 P' 322.208 
SR non-polymer   . 'STRONTIUM ION'                      ? 'Sr 2'            87.620  
# 
loop_
_pdbx_poly_seq_scheme.asym_id 
_pdbx_poly_seq_scheme.entity_id 
_pdbx_poly_seq_scheme.seq_id 
_pdbx_poly_seq_scheme.mon_id 
_pdbx_poly_seq_scheme.ndb_seq_num 
_pdbx_poly_seq_scheme.pdb_seq_num 
_pdbx_poly_seq_scheme.auth_seq_num 
_pdbx_poly_seq_scheme.pdb_mon_id 
_pdbx_poly_seq_scheme.auth_mon_id 
_pdbx_poly_seq_scheme.pdb_strand_id 
_pdbx_poly_seq_scheme.pdb_ins_code 
_pdbx_poly_seq_scheme.hetero 
A 1 1  DG 1  1  1  DG DG A . n 
A 1 2  DG 2  2  2  DG DG A . n 
A 1 3  DT 3  3  3  DT DT A . n 
A 1 4  DG 4  4  4  DG DG A . n 
A 1 5  DG 5  5  5  DG DG A . n 
A 1 6  DG 6  6  6  DG DG A . n 
A 1 7  DG 7  7  7  DG DG A . n 
A 1 8  DC 8  8  8  DC DC A . n 
A 1 9  DC 9  9  9  DC DC A . n 
A 1 10 DG 10 10 10 DG DG A . n 
A 1 11 DG 11 11 11 DG DG A . n 
A 1 12 DC 12 12 12 DC DC A . n 
A 1 13 DC 13 13 13 DC DC A . n 
A 1 14 DC 14 14 14 DC DC A . n 
A 1 15 DC 15 15 15 DC DC A . n 
A 1 16 DA 16 16 16 DA DA A . n 
A 1 17 DC 17 17 17 DC DC A . n 
A 1 18 DC 18 18 18 DC DC A . n 
# 
_pdbx_nonpoly_scheme.asym_id         B 
_pdbx_nonpoly_scheme.entity_id       2 
_pdbx_nonpoly_scheme.mon_id          SR 
_pdbx_nonpoly_scheme.ndb_seq_num     1 
_pdbx_nonpoly_scheme.pdb_seq_num     101 
_pdbx_nonpoly_scheme.auth_seq_num    102 
_pdbx_nonpoly_scheme.pdb_mon_id      SR 
_pdbx_nonpoly_scheme.auth_mon_id     SR 
_pdbx_nonpoly_scheme.pdb_strand_id   A 
_pdbx_nonpoly_scheme.pdb_ins_code    . 
# 
loop_
_software.citation_id 
_software.classification 
_software.compiler_name 
_software.compiler_version 
_software.contact_author 
_software.contact_author_email 
_software.date 
_software.description 
_software.dependencies 
_software.hardware 
_software.language 
_software.location 
_software.mods 
_software.name 
_software.os 
_software.os_version 
_software.type 
_software.version 
_software.pdbx_ordinal 
? refinement       ? ? ? ? ? ? ? ? ? ? ? PHENIX  ? ? ? 1.19.2_4158 1 
? 'data reduction' ? ? ? ? ? ? ? ? ? ? ? XDS     ? ? ? .           2 
? 'data scaling'   ? ? ? ? ? ? ? ? ? ? ? Aimless ? ? ? .           3 
? phasing          ? ? ? ? ? ? ? ? ? ? ? PHASER  ? ? ? .           4 
# 
_cell.angle_alpha                  90.000 
_cell.angle_alpha_esd              ? 
_cell.angle_beta                   90.000 
_cell.angle_beta_esd               ? 
_cell.angle_gamma                  90.000 
_cell.angle_gamma_esd              ? 
_cell.entry_id                     7Z7U 
_cell.details                      ? 
_cell.formula_units_Z              ? 
_cell.length_a                     38.278 
_cell.length_a_esd                 ? 
_cell.length_b                     38.278 
_cell.length_b_esd                 ? 
_cell.length_c                     87.323 
_cell.length_c_esd                 ? 
_cell.volume                       127946.121 
_cell.volume_esd                   ? 
_cell.Z_PDB                        8 
_cell.reciprocal_angle_alpha       ? 
_cell.reciprocal_angle_beta        ? 
_cell.reciprocal_angle_gamma       ? 
_cell.reciprocal_angle_alpha_esd   ? 
_cell.reciprocal_angle_beta_esd    ? 
_cell.reciprocal_angle_gamma_esd   ? 
_cell.reciprocal_length_a          ? 
_cell.reciprocal_length_b          ? 
_cell.reciprocal_length_c          ? 
_cell.reciprocal_length_a_esd      ? 
_cell.reciprocal_length_b_esd      ? 
_cell.reciprocal_length_c_esd      ? 
_cell.pdbx_unique_axis             ? 
# 
_symmetry.entry_id                         7Z7U 
_symmetry.cell_setting                     ? 
_symmetry.Int_Tables_number                96 
_symmetry.space_group_name_Hall            'P 4nw 2abw' 
_symmetry.space_group_name_H-M             'P 43 21 2' 
_symmetry.pdbx_full_space_group_name_H-M   ? 
# 
_exptl.absorpt_coefficient_mu     ? 
_exptl.absorpt_correction_T_max   ? 
_exptl.absorpt_correction_T_min   ? 
_exptl.absorpt_correction_type    ? 
_exptl.absorpt_process_details    ? 
_exptl.entry_id                   7Z7U 
_exptl.crystals_number            1 
_exptl.details                    ? 
_exptl.method                     'X-RAY DIFFRACTION' 
_exptl.method_details             ? 
# 
_exptl_crystal.colour                      ? 
_exptl_crystal.density_diffrn              ? 
_exptl_crystal.density_Matthews            2.90 
_exptl_crystal.density_method              ? 
_exptl_crystal.density_percent_sol         57.55 
_exptl_crystal.description                 ? 
_exptl_crystal.F_000                       ? 
_exptl_crystal.id                          1 
_exptl_crystal.preparation                 ? 
_exptl_crystal.size_max                    ? 
_exptl_crystal.size_mid                    ? 
_exptl_crystal.size_min                    ? 
_exptl_crystal.size_rad                    ? 
_exptl_crystal.colour_lustre               ? 
_exptl_crystal.colour_modifier             ? 
_exptl_crystal.colour_primary              ? 
_exptl_crystal.density_meas                ? 
_exptl_crystal.density_meas_esd            ? 
_exptl_crystal.density_meas_gt             ? 
_exptl_crystal.density_meas_lt             ? 
_exptl_crystal.density_meas_temp           ? 
_exptl_crystal.density_meas_temp_esd       ? 
_exptl_crystal.density_meas_temp_gt        ? 
_exptl_crystal.density_meas_temp_lt        ? 
_exptl_crystal.pdbx_crystal_image_url      ? 
_exptl_crystal.pdbx_crystal_image_format   ? 
_exptl_crystal.pdbx_mosaicity              ? 
_exptl_crystal.pdbx_mosaicity_esd          ? 
# 
_exptl_crystal_grow.apparatus       ? 
_exptl_crystal_grow.atmosphere      ? 
_exptl_crystal_grow.crystal_id      1 
_exptl_crystal_grow.details         ? 
_exptl_crystal_grow.method          'VAPOR DIFFUSION, HANGING DROP' 
_exptl_crystal_grow.method_ref      ? 
_exptl_crystal_grow.pH              6.5 
_exptl_crystal_grow.pressure        ? 
_exptl_crystal_grow.pressure_esd    ? 
_exptl_crystal_grow.seeding         ? 
_exptl_crystal_grow.seeding_ref     ? 
_exptl_crystal_grow.temp            293 
_exptl_crystal_grow.temp_details    ? 
_exptl_crystal_grow.temp_esd        ? 
_exptl_crystal_grow.time            ? 
_exptl_crystal_grow.pdbx_details    
;Natrix crystallization screen (Hampton Research)
precipitant 18-22% (+/-)-2-Methyl-2,4-pentanediol
buffer 0.04 M Sodium cacodylate trihydrate
salt 0.04 M Magnezium chloride hexahydrate
0.08 M Strontium chloride hexahydrate
additive 0.012 M spermine tetrahydrochloride
;
_exptl_crystal_grow.pdbx_pH_range   ? 
# 
_diffrn.ambient_environment              ? 
_diffrn.ambient_temp                     100 
_diffrn.ambient_temp_details             ? 
_diffrn.ambient_temp_esd                 ? 
_diffrn.crystal_id                       1 
_diffrn.crystal_support                  ? 
_diffrn.crystal_treatment                ? 
_diffrn.details                          ? 
_diffrn.id                               1 
_diffrn.ambient_pressure                 ? 
_diffrn.ambient_pressure_esd             ? 
_diffrn.ambient_pressure_gt              ? 
_diffrn.ambient_pressure_lt              ? 
_diffrn.ambient_temp_gt                  ? 
_diffrn.ambient_temp_lt                  ? 
_diffrn.pdbx_serial_crystal_experiment   N 
# 
_diffrn_detector.details                      ? 
_diffrn_detector.detector                     PIXEL 
_diffrn_detector.diffrn_id                    1 
_diffrn_detector.type                         'DECTRIS PILATUS 6M' 
_diffrn_detector.area_resol_mean              ? 
_diffrn_detector.dtime                        ? 
_diffrn_detector.pdbx_frames_total            ? 
_diffrn_detector.pdbx_collection_time_total   ? 
_diffrn_detector.pdbx_collection_date         2021-07-22 
_diffrn_detector.pdbx_frequency               ? 
# 
_diffrn_radiation.collimation                      ? 
_diffrn_radiation.diffrn_id                        1 
_diffrn_radiation.filter_edge                      ? 
_diffrn_radiation.inhomogeneity                    ? 
_diffrn_radiation.monochromator                    'Si (111)' 
_diffrn_radiation.polarisn_norm                    ? 
_diffrn_radiation.polarisn_ratio                   ? 
_diffrn_radiation.probe                            ? 
_diffrn_radiation.type                             ? 
_diffrn_radiation.xray_symbol                      ? 
_diffrn_radiation.wavelength_id                    1 
_diffrn_radiation.pdbx_monochromatic_or_laue_m_l   M 
_diffrn_radiation.pdbx_wavelength_list             ? 
_diffrn_radiation.pdbx_wavelength                  ? 
_diffrn_radiation.pdbx_diffrn_protocol             'SINGLE WAVELENGTH' 
_diffrn_radiation.pdbx_analyzer                    ? 
_diffrn_radiation.pdbx_scattering_type             x-ray 
# 
_diffrn_radiation_wavelength.id           1 
_diffrn_radiation_wavelength.wavelength   0.9184 
_diffrn_radiation_wavelength.wt           1.0 
# 
_diffrn_source.current                     ? 
_diffrn_source.details                     ? 
_diffrn_source.diffrn_id                   1 
_diffrn_source.power                       ? 
_diffrn_source.size                        ? 
_diffrn_source.source                      SYNCHROTRON 
_diffrn_source.target                      ? 
_diffrn_source.type                        'BESSY BEAMLINE 14.1' 
_diffrn_source.voltage                     ? 
_diffrn_source.take-off_angle              ? 
_diffrn_source.pdbx_wavelength_list        0.9184 
_diffrn_source.pdbx_wavelength             ? 
_diffrn_source.pdbx_synchrotron_beamline   14.1 
_diffrn_source.pdbx_synchrotron_site       BESSY 
# 
_reflns.B_iso_Wilson_estimate                          101.03 
_reflns.entry_id                                       7Z7U 
_reflns.data_reduction_details                         ? 
_reflns.data_reduction_method                          ? 
_reflns.d_resolution_high                              2.75 
_reflns.d_resolution_low                               43.66 
_reflns.details                                        ? 
_reflns.limit_h_max                                    ? 
_reflns.limit_h_min                                    ? 
_reflns.limit_k_max                                    ? 
_reflns.limit_k_min                                    ? 
_reflns.limit_l_max                                    ? 
_reflns.limit_l_min                                    ? 
_reflns.number_all                                     ? 
_reflns.number_obs                                     1958 
_reflns.observed_criterion                             ? 
_reflns.observed_criterion_F_max                       ? 
_reflns.observed_criterion_F_min                       ? 
_reflns.observed_criterion_I_max                       ? 
_reflns.observed_criterion_I_min                       ? 
_reflns.observed_criterion_sigma_F                     ? 
_reflns.observed_criterion_sigma_I                     ? 
_reflns.percent_possible_obs                           100.0 
_reflns.R_free_details                                 ? 
_reflns.Rmerge_F_all                                   ? 
_reflns.Rmerge_F_obs                                   ? 
_reflns.Friedel_coverage                               ? 
_reflns.number_gt                                      ? 
_reflns.threshold_expression                           ? 
_reflns.pdbx_redundancy                                22.8 
_reflns.pdbx_Rmerge_I_obs                              0.060 
_reflns.pdbx_Rmerge_I_all                              ? 
_reflns.pdbx_Rsym_value                                ? 
_reflns.pdbx_netI_over_av_sigmaI                       ? 
_reflns.pdbx_netI_over_sigmaI                          29.4 
_reflns.pdbx_res_netI_over_av_sigmaI_2                 ? 
_reflns.pdbx_res_netI_over_sigmaI_2                    ? 
_reflns.pdbx_chi_squared                               1.02 
_reflns.pdbx_scaling_rejects                           ? 
_reflns.pdbx_d_res_high_opt                            ? 
_reflns.pdbx_d_res_low_opt                             ? 
_reflns.pdbx_d_res_opt_method                          ? 
_reflns.phase_calculation_details                      ? 
_reflns.pdbx_Rrim_I_all                                0.061 
_reflns.pdbx_Rpim_I_all                                0.013 
_reflns.pdbx_d_opt                                     ? 
_reflns.pdbx_number_measured_all                       ? 
_reflns.pdbx_diffrn_id                                 1 
_reflns.pdbx_ordinal                                   1 
_reflns.pdbx_CC_half                                   0.999 
_reflns.pdbx_CC_star                                   ? 
_reflns.pdbx_R_split                                   ? 
_reflns.pdbx_aniso_diffraction_limit_axis_1_ortho[1]   ? 
_reflns.pdbx_aniso_diffraction_limit_axis_1_ortho[2]   ? 
_reflns.pdbx_aniso_diffraction_limit_axis_1_ortho[3]   ? 
_reflns.pdbx_aniso_diffraction_limit_axis_2_ortho[1]   ? 
_reflns.pdbx_aniso_diffraction_limit_axis_2_ortho[2]   ? 
_reflns.pdbx_aniso_diffraction_limit_axis_2_ortho[3]   ? 
_reflns.pdbx_aniso_diffraction_limit_axis_3_ortho[1]   ? 
_reflns.pdbx_aniso_diffraction_limit_axis_3_ortho[2]   ? 
_reflns.pdbx_aniso_diffraction_limit_axis_3_ortho[3]   ? 
_reflns.pdbx_aniso_diffraction_limit_1                 ? 
_reflns.pdbx_aniso_diffraction_limit_2                 ? 
_reflns.pdbx_aniso_diffraction_limit_3                 ? 
_reflns.pdbx_aniso_B_tensor_eigenvector_1_ortho[1]     ? 
_reflns.pdbx_aniso_B_tensor_eigenvector_1_ortho[2]     ? 
_reflns.pdbx_aniso_B_tensor_eigenvector_1_ortho[3]     ? 
_reflns.pdbx_aniso_B_tensor_eigenvector_2_ortho[1]     ? 
_reflns.pdbx_aniso_B_tensor_eigenvector_2_ortho[2]     ? 
_reflns.pdbx_aniso_B_tensor_eigenvector_2_ortho[3]     ? 
_reflns.pdbx_aniso_B_tensor_eigenvector_3_ortho[1]     ? 
_reflns.pdbx_aniso_B_tensor_eigenvector_3_ortho[2]     ? 
_reflns.pdbx_aniso_B_tensor_eigenvector_3_ortho[3]     ? 
_reflns.pdbx_aniso_B_tensor_eigenvalue_1               ? 
_reflns.pdbx_aniso_B_tensor_eigenvalue_2               ? 
_reflns.pdbx_aniso_B_tensor_eigenvalue_3               ? 
_reflns.pdbx_orthogonalization_convention              ? 
_reflns.pdbx_percent_possible_ellipsoidal              ? 
_reflns.pdbx_percent_possible_spherical                ? 
_reflns.pdbx_percent_possible_ellipsoidal_anomalous    ? 
_reflns.pdbx_percent_possible_spherical_anomalous      ? 
_reflns.pdbx_redundancy_anomalous                      ? 
_reflns.pdbx_CC_half_anomalous                         ? 
_reflns.pdbx_absDiff_over_sigma_anomalous              ? 
_reflns.pdbx_percent_possible_anomalous                ? 
_reflns.pdbx_observed_signal_threshold                 ? 
_reflns.pdbx_signal_type                               ? 
_reflns.pdbx_signal_details                            ? 
_reflns.pdbx_signal_software_id                        ? 
# 
_reflns_shell.d_res_high                                    2.75 
_reflns_shell.d_res_low                                     2.92 
_reflns_shell.meanI_over_sigI_all                           ? 
_reflns_shell.meanI_over_sigI_obs                           1.9 
_reflns_shell.number_measured_all                           ? 
_reflns_shell.number_measured_obs                           ? 
_reflns_shell.number_possible                               ? 
_reflns_shell.number_unique_all                             ? 
_reflns_shell.number_unique_obs                             297 
_reflns_shell.percent_possible_all                          100.0 
_reflns_shell.percent_possible_obs                          ? 
_reflns_shell.Rmerge_F_all                                  ? 
_reflns_shell.Rmerge_F_obs                                  ? 
_reflns_shell.Rmerge_I_all                                  ? 
_reflns_shell.Rmerge_I_obs                                  1.982 
_reflns_shell.meanI_over_sigI_gt                            ? 
_reflns_shell.meanI_over_uI_all                             ? 
_reflns_shell.meanI_over_uI_gt                              ? 
_reflns_shell.number_measured_gt                            ? 
_reflns_shell.number_unique_gt                              ? 
_reflns_shell.percent_possible_gt                           ? 
_reflns_shell.Rmerge_F_gt                                   ? 
_reflns_shell.Rmerge_I_gt                                   ? 
_reflns_shell.pdbx_redundancy                               25.0 
_reflns_shell.pdbx_Rsym_value                               ? 
_reflns_shell.pdbx_chi_squared                              1.04 
_reflns_shell.pdbx_netI_over_sigmaI_all                     ? 
_reflns_shell.pdbx_netI_over_sigmaI_obs                     ? 
_reflns_shell.pdbx_Rrim_I_all                               2.023 
_reflns_shell.pdbx_Rpim_I_all                               0.400 
_reflns_shell.pdbx_rejects                                  ? 
_reflns_shell.pdbx_ordinal                                  1 
_reflns_shell.pdbx_diffrn_id                                1 
_reflns_shell.pdbx_CC_half                                  0.895 
_reflns_shell.pdbx_CC_star                                  ? 
_reflns_shell.pdbx_R_split                                  ? 
_reflns_shell.pdbx_percent_possible_ellipsoidal             ? 
_reflns_shell.pdbx_percent_possible_spherical               ? 
_reflns_shell.pdbx_percent_possible_ellipsoidal_anomalous   ? 
_reflns_shell.pdbx_percent_possible_spherical_anomalous     ? 
_reflns_shell.pdbx_redundancy_anomalous                     ? 
_reflns_shell.pdbx_CC_half_anomalous                        ? 
_reflns_shell.pdbx_absDiff_over_sigma_anomalous             ? 
_reflns_shell.pdbx_percent_possible_anomalous               ? 
# 
_refine.aniso_B[1][1]                            ? 
_refine.aniso_B[1][2]                            ? 
_refine.aniso_B[1][3]                            ? 
_refine.aniso_B[2][2]                            ? 
_refine.aniso_B[2][3]                            ? 
_refine.aniso_B[3][3]                            ? 
_refine.B_iso_max                                ? 
_refine.B_iso_mean                               105.00 
_refine.B_iso_min                                ? 
_refine.correlation_coeff_Fo_to_Fc               ? 
_refine.correlation_coeff_Fo_to_Fc_free          ? 
_refine.details                                  ? 
_refine.diff_density_max                         ? 
_refine.diff_density_max_esd                     ? 
_refine.diff_density_min                         ? 
_refine.diff_density_min_esd                     ? 
_refine.diff_density_rms                         ? 
_refine.diff_density_rms_esd                     ? 
_refine.entry_id                                 7Z7U 
_refine.pdbx_refine_id                           'X-RAY DIFFRACTION' 
_refine.ls_abs_structure_details                 ? 
_refine.ls_abs_structure_Flack                   ? 
_refine.ls_abs_structure_Flack_esd               ? 
_refine.ls_abs_structure_Rogers                  ? 
_refine.ls_abs_structure_Rogers_esd              ? 
_refine.ls_d_res_high                            2.75 
_refine.ls_d_res_low                             23.00 
_refine.ls_extinction_coef                       ? 
_refine.ls_extinction_coef_esd                   ? 
_refine.ls_extinction_expression                 ? 
_refine.ls_extinction_method                     ? 
_refine.ls_goodness_of_fit_all                   ? 
_refine.ls_goodness_of_fit_all_esd               ? 
_refine.ls_goodness_of_fit_obs                   ? 
_refine.ls_goodness_of_fit_obs_esd               ? 
_refine.ls_hydrogen_treatment                    ? 
_refine.ls_matrix_type                           ? 
_refine.ls_number_constraints                    ? 
_refine.ls_number_parameters                     ? 
_refine.ls_number_reflns_all                     ? 
_refine.ls_number_reflns_obs                     1929 
_refine.ls_number_reflns_R_free                  106 
_refine.ls_number_reflns_R_work                  0 
_refine.ls_number_restraints                     ? 
_refine.ls_percent_reflns_obs                    99.79 
_refine.ls_percent_reflns_R_free                 5 
_refine.ls_R_factor_all                          ? 
_refine.ls_R_factor_obs                          0.2826 
_refine.ls_R_factor_R_free                       0.2892 
_refine.ls_R_factor_R_free_error                 ? 
_refine.ls_R_factor_R_free_error_details         ? 
_refine.ls_R_factor_R_work                       0.2737 
_refine.ls_R_Fsqd_factor_obs                     ? 
_refine.ls_R_I_factor_obs                        ? 
_refine.ls_redundancy_reflns_all                 ? 
_refine.ls_redundancy_reflns_obs                 ? 
_refine.ls_restrained_S_all                      ? 
_refine.ls_restrained_S_obs                      ? 
_refine.ls_shift_over_esd_max                    ? 
_refine.ls_shift_over_esd_mean                   ? 
_refine.ls_structure_factor_coef                 ? 
_refine.ls_weighting_details                     ? 
_refine.ls_weighting_scheme                      ? 
_refine.ls_wR_factor_all                         ? 
_refine.ls_wR_factor_obs                         ? 
_refine.ls_wR_factor_R_free                      ? 
_refine.ls_wR_factor_R_work                      ? 
_refine.occupancy_max                            ? 
_refine.occupancy_min                            ? 
_refine.solvent_model_details                    'FLAT BULK SOLVENT MODEL' 
_refine.solvent_model_param_bsol                 ? 
_refine.solvent_model_param_ksol                 ? 
_refine.pdbx_R_complete                          ? 
_refine.ls_R_factor_gt                           ? 
_refine.ls_goodness_of_fit_gt                    ? 
_refine.ls_goodness_of_fit_ref                   ? 
_refine.ls_shift_over_su_max                     ? 
_refine.ls_shift_over_su_max_lt                  ? 
_refine.ls_shift_over_su_mean                    ? 
_refine.ls_shift_over_su_mean_lt                 ? 
_refine.pdbx_ls_sigma_I                          ? 
_refine.pdbx_ls_sigma_F                          1.34 
_refine.pdbx_ls_sigma_Fsqd                       ? 
_refine.pdbx_data_cutoff_high_absF               ? 
_refine.pdbx_data_cutoff_high_rms_absF           ? 
_refine.pdbx_data_cutoff_low_absF                ? 
_refine.pdbx_isotropic_thermal_model             ? 
_refine.pdbx_ls_cross_valid_method               'FREE R-VALUE' 
_refine.pdbx_method_to_determine_struct          'MOLECULAR REPLACEMENT' 
_refine.pdbx_starting_model                      6ROS 
_refine.pdbx_stereochemistry_target_values       'GeoStd + Monomer Library + CDL v1.2' 
_refine.pdbx_R_Free_selection_details            Random 
_refine.pdbx_stereochem_target_val_spec_case     ? 
_refine.pdbx_overall_ESU_R                       ? 
_refine.pdbx_overall_ESU_R_Free                  ? 
_refine.pdbx_solvent_vdw_probe_radii             1.1100 
_refine.pdbx_solvent_ion_probe_radii             ? 
_refine.pdbx_solvent_shrinkage_radii             0.9000 
_refine.pdbx_real_space_R                        ? 
_refine.pdbx_density_correlation                 ? 
_refine.pdbx_pd_number_of_powder_patterns        ? 
_refine.pdbx_pd_number_of_points                 ? 
_refine.pdbx_pd_meas_number_of_points            ? 
_refine.pdbx_pd_proc_ls_prof_R_factor            ? 
_refine.pdbx_pd_proc_ls_prof_wR_factor           ? 
_refine.pdbx_pd_Marquardt_correlation_coeff      ? 
_refine.pdbx_pd_Fsqrd_R_factor                   ? 
_refine.pdbx_pd_ls_matrix_band_width             ? 
_refine.pdbx_overall_phase_error                 35.3689 
_refine.pdbx_overall_SU_R_free_Cruickshank_DPI   ? 
_refine.pdbx_overall_SU_R_free_Blow_DPI          ? 
_refine.pdbx_overall_SU_R_Blow_DPI               ? 
_refine.pdbx_TLS_residual_ADP_flag               ? 
_refine.pdbx_diffrn_id                           1 
_refine.overall_SU_B                             ? 
_refine.overall_SU_ML                            0.4313 
_refine.overall_SU_R_Cruickshank_DPI             ? 
_refine.overall_SU_R_free                        ? 
_refine.overall_FOM_free_R_set                   ? 
_refine.overall_FOM_work_R_set                   ? 
_refine.pdbx_average_fsc_overall                 ? 
_refine.pdbx_average_fsc_work                    ? 
_refine.pdbx_average_fsc_free                    ? 
# 
_refine_hist.pdbx_refine_id                   'X-RAY DIFFRACTION' 
_refine_hist.cycle_id                         LAST 
_refine_hist.details                          ? 
_refine_hist.d_res_high                       2.75 
_refine_hist.d_res_low                        23.00 
_refine_hist.number_atoms_solvent             0 
_refine_hist.number_atoms_total               367 
_refine_hist.number_reflns_all                ? 
_refine_hist.number_reflns_obs                ? 
_refine_hist.number_reflns_R_free             ? 
_refine_hist.number_reflns_R_work             ? 
_refine_hist.R_factor_all                     ? 
_refine_hist.R_factor_obs                     ? 
_refine_hist.R_factor_R_free                  ? 
_refine_hist.R_factor_R_work                  ? 
_refine_hist.pdbx_number_residues_total       ? 
_refine_hist.pdbx_B_iso_mean_ligand           ? 
_refine_hist.pdbx_B_iso_mean_solvent          ? 
_refine_hist.pdbx_number_atoms_protein        0 
_refine_hist.pdbx_number_atoms_nucleic_acid   366 
_refine_hist.pdbx_number_atoms_ligand         1 
_refine_hist.pdbx_number_atoms_lipid          ? 
_refine_hist.pdbx_number_atoms_carb           ? 
_refine_hist.pdbx_pseudo_atom_details         ? 
# 
loop_
_refine_ls_restr.pdbx_refine_id 
_refine_ls_restr.criterion 
_refine_ls_restr.dev_ideal 
_refine_ls_restr.dev_ideal_target 
_refine_ls_restr.number 
_refine_ls_restr.rejects 
_refine_ls_restr.type 
_refine_ls_restr.weight 
_refine_ls_restr.pdbx_restraint_function 
'X-RAY DIFFRACTION' ? 0.0078  ? 410 ? f_bond_d           ? ? 
'X-RAY DIFFRACTION' ? 0.7184  ? 631 ? f_angle_d          ? ? 
'X-RAY DIFFRACTION' ? 0.0423  ? 71  ? f_chiral_restr     ? ? 
'X-RAY DIFFRACTION' ? 0.0040  ? 18  ? f_plane_restr      ? ? 
'X-RAY DIFFRACTION' ? 17.2762 ? 176 ? f_dihedral_angle_d ? ? 
# 
_refine_ls_shell.pdbx_refine_id                   'X-RAY DIFFRACTION' 
_refine_ls_shell.d_res_high                       2.75 
_refine_ls_shell.d_res_low                        2.85 
_refine_ls_shell.number_reflns_all                ? 
_refine_ls_shell.number_reflns_obs                ? 
_refine_ls_shell.number_reflns_R_free             132 
_refine_ls_shell.number_reflns_R_work             170 
_refine_ls_shell.percent_reflns_obs               100.00 
_refine_ls_shell.percent_reflns_R_free            6.1 
_refine_ls_shell.R_factor_all                     ? 
_refine_ls_shell.R_factor_obs                     ? 
_refine_ls_shell.R_factor_R_free                  0.4763 
_refine_ls_shell.R_factor_R_free_error            ? 
_refine_ls_shell.R_factor_R_work                  0.4609 
_refine_ls_shell.redundancy_reflns_all            ? 
_refine_ls_shell.redundancy_reflns_obs            ? 
_refine_ls_shell.wR_factor_all                    ? 
_refine_ls_shell.wR_factor_obs                    ? 
_refine_ls_shell.wR_factor_R_free                 ? 
_refine_ls_shell.wR_factor_R_work                 ? 
_refine_ls_shell.pdbx_R_complete                  ? 
_refine_ls_shell.pdbx_total_number_of_bins_used   ? 
_refine_ls_shell.pdbx_phase_error                 ? 
_refine_ls_shell.pdbx_fsc_work                    ? 
_refine_ls_shell.pdbx_fsc_free                    ? 
# 
_struct.entry_id                     7Z7U 
_struct.title                        'REP-related Chom18 variant with double CG base pair' 
_struct.pdbx_model_details           ? 
_struct.pdbx_formula_weight          ? 
_struct.pdbx_formula_weight_method   ? 
_struct.pdbx_model_type_details      ? 
_struct.pdbx_CASP_flag               N 
# 
_struct_keywords.entry_id        7Z7U 
_struct_keywords.text            'Mismatch, Non-canonical, Base pair, Double helix, DNA' 
_struct_keywords.pdbx_keywords   DNA 
# 
loop_
_struct_asym.id 
_struct_asym.pdbx_blank_PDB_chainid_flag 
_struct_asym.pdbx_modified 
_struct_asym.entity_id 
_struct_asym.details 
A N N 1 ? 
B N N 2 ? 
# 
_struct_ref.id                         1 
_struct_ref.db_name                    PDB 
_struct_ref.db_code                    7Z7U 
_struct_ref.pdbx_db_accession          7Z7U 
_struct_ref.pdbx_db_isoform            ? 
_struct_ref.entity_id                  1 
_struct_ref.pdbx_seq_one_letter_code   ? 
_struct_ref.pdbx_align_begin           1 
# 
_struct_ref_seq.align_id                      1 
_struct_ref_seq.ref_id                        1 
_struct_ref_seq.pdbx_PDB_id_code              7Z7U 
_struct_ref_seq.pdbx_strand_id                A 
_struct_ref_seq.seq_align_beg                 1 
_struct_ref_seq.pdbx_seq_align_beg_ins_code   ? 
_struct_ref_seq.seq_align_end                 18 
_struct_ref_seq.pdbx_seq_align_end_ins_code   ? 
_struct_ref_seq.pdbx_db_accession             7Z7U 
_struct_ref_seq.db_align_beg                  1 
_struct_ref_seq.pdbx_db_align_beg_ins_code    ? 
_struct_ref_seq.db_align_end                  18 
_struct_ref_seq.pdbx_db_align_end_ins_code    ? 
_struct_ref_seq.pdbx_auth_seq_align_beg       1 
_struct_ref_seq.pdbx_auth_seq_align_end       18 
# 
_pdbx_struct_assembly.id                   1 
_pdbx_struct_assembly.details              author_and_software_defined_assembly 
_pdbx_struct_assembly.method_details       PISA 
_pdbx_struct_assembly.oligomeric_details   dimeric 
_pdbx_struct_assembly.oligomeric_count     2 
# 
loop_
_pdbx_struct_assembly_prop.biol_id 
_pdbx_struct_assembly_prop.type 
_pdbx_struct_assembly_prop.value 
_pdbx_struct_assembly_prop.details 
1 'ABSA (A^2)' 2140 ? 
1 MORE         -66  ? 
1 'SSA (A^2)'  6370 ? 
# 
_pdbx_struct_assembly_gen.assembly_id       1 
_pdbx_struct_assembly_gen.oper_expression   1,2 
_pdbx_struct_assembly_gen.asym_id_list      A,B 
# 
_pdbx_struct_assembly_auth_evidence.id                     1 
_pdbx_struct_assembly_auth_evidence.assembly_id            1 
_pdbx_struct_assembly_auth_evidence.experimental_support   none 
_pdbx_struct_assembly_auth_evidence.details                ? 
# 
loop_
_pdbx_struct_oper_list.id 
_pdbx_struct_oper_list.type 
_pdbx_struct_oper_list.name 
_pdbx_struct_oper_list.symmetry_operation 
_pdbx_struct_oper_list.matrix[1][1] 
_pdbx_struct_oper_list.matrix[1][2] 
_pdbx_struct_oper_list.matrix[1][3] 
_pdbx_struct_oper_list.vector[1] 
_pdbx_struct_oper_list.matrix[2][1] 
_pdbx_struct_oper_list.matrix[2][2] 
_pdbx_struct_oper_list.matrix[2][3] 
_pdbx_struct_oper_list.vector[2] 
_pdbx_struct_oper_list.matrix[3][1] 
_pdbx_struct_oper_list.matrix[3][2] 
_pdbx_struct_oper_list.matrix[3][3] 
_pdbx_struct_oper_list.vector[3] 
1 'identity operation'         1_555 x,y,z      1.0000000000 0.0000000000  0.0000000000 0.0000000000 0.0000000000  1.0000000000  0.0000000000  0.0000000000 0.0000000000 0.0000000000  1.0000000000  0.0000000000  
2 'crystal symmetry operation' 7_465 y-1,x+1,-z 0.1936342116 -0.0156870602 0.9809483719 1.4540326916 -0.0156870602 -0.9997938365 -0.0128918860 2.3800973383 0.9809483719 -0.0128918860 -0.1938403751 -1.7312291696 
# 
loop_
_struct_conn.id 
_struct_conn.conn_type_id 
_struct_conn.pdbx_leaving_atom_flag 
_struct_conn.pdbx_PDB_id 
_struct_conn.ptnr1_label_asym_id 
_struct_conn.ptnr1_label_comp_id 
_struct_conn.ptnr1_label_seq_id 
_struct_conn.ptnr1_label_atom_id 
_struct_conn.pdbx_ptnr1_label_alt_id 
_struct_conn.pdbx_ptnr1_PDB_ins_code 
_struct_conn.pdbx_ptnr1_standard_comp_id 
_struct_conn.ptnr1_symmetry 
_struct_conn.ptnr2_label_asym_id 
_struct_conn.ptnr2_label_comp_id 
_struct_conn.ptnr2_label_seq_id 
_struct_conn.ptnr2_label_atom_id 
_struct_conn.pdbx_ptnr2_label_alt_id 
_struct_conn.pdbx_ptnr2_PDB_ins_code 
_struct_conn.ptnr1_auth_asym_id 
_struct_conn.ptnr1_auth_comp_id 
_struct_conn.ptnr1_auth_seq_id 
_struct_conn.ptnr2_auth_asym_id 
_struct_conn.ptnr2_auth_comp_id 
_struct_conn.ptnr2_auth_seq_id 
_struct_conn.ptnr2_symmetry 
_struct_conn.pdbx_ptnr3_label_atom_id 
_struct_conn.pdbx_ptnr3_label_seq_id 
_struct_conn.pdbx_ptnr3_label_comp_id 
_struct_conn.pdbx_ptnr3_label_asym_id 
_struct_conn.pdbx_ptnr3_label_alt_id 
_struct_conn.pdbx_ptnr3_PDB_ins_code 
_struct_conn.details 
_struct_conn.pdbx_dist_value 
_struct_conn.pdbx_value_order 
_struct_conn.pdbx_role 
hydrog1  hydrog ? ? A DG 1  N1 ? ? ? 1_555 A DC 18 N3 ? ? A DG 1  A DC 18 7_465 ? ? ? ? ? ? WATSON-CRICK ? ? ? 
hydrog2  hydrog ? ? A DG 1  N2 ? ? ? 1_555 A DC 18 O2 ? ? A DG 1  A DC 18 7_465 ? ? ? ? ? ? WATSON-CRICK ? ? ? 
hydrog3  hydrog ? ? A DG 1  O6 ? ? ? 1_555 A DC 18 N4 ? ? A DG 1  A DC 18 7_465 ? ? ? ? ? ? WATSON-CRICK ? ? ? 
hydrog4  hydrog ? ? A DG 2  N1 ? ? ? 1_555 A DC 17 N3 ? ? A DG 2  A DC 17 7_465 ? ? ? ? ? ? WATSON-CRICK ? ? ? 
hydrog5  hydrog ? ? A DG 2  N2 ? ? ? 1_555 A DC 17 O2 ? ? A DG 2  A DC 17 7_465 ? ? ? ? ? ? WATSON-CRICK ? ? ? 
hydrog6  hydrog ? ? A DG 2  O6 ? ? ? 1_555 A DC 17 N4 ? ? A DG 2  A DC 17 7_465 ? ? ? ? ? ? WATSON-CRICK ? ? ? 
hydrog7  hydrog ? ? A DT 3  N3 ? ? ? 1_555 A DA 16 N1 ? ? A DT 3  A DA 16 7_465 ? ? ? ? ? ? WATSON-CRICK ? ? ? 
hydrog8  hydrog ? ? A DT 3  O4 ? ? ? 1_555 A DA 16 N6 ? ? A DT 3  A DA 16 7_465 ? ? ? ? ? ? WATSON-CRICK ? ? ? 
hydrog9  hydrog ? ? A DG 4  N1 ? ? ? 1_555 A DC 15 N3 ? ? A DG 4  A DC 15 7_465 ? ? ? ? ? ? WATSON-CRICK ? ? ? 
hydrog10 hydrog ? ? A DG 4  N2 ? ? ? 1_555 A DC 15 O2 ? ? A DG 4  A DC 15 7_465 ? ? ? ? ? ? WATSON-CRICK ? ? ? 
hydrog11 hydrog ? ? A DG 4  O6 ? ? ? 1_555 A DC 15 N4 ? ? A DG 4  A DC 15 7_465 ? ? ? ? ? ? WATSON-CRICK ? ? ? 
hydrog12 hydrog ? ? A DG 5  N1 ? ? ? 1_555 A DC 14 N3 ? ? A DG 5  A DC 14 7_465 ? ? ? ? ? ? WATSON-CRICK ? ? ? 
hydrog13 hydrog ? ? A DG 5  N2 ? ? ? 1_555 A DC 14 O2 ? ? A DG 5  A DC 14 7_465 ? ? ? ? ? ? WATSON-CRICK ? ? ? 
hydrog14 hydrog ? ? A DG 5  O6 ? ? ? 1_555 A DC 14 N4 ? ? A DG 5  A DC 14 7_465 ? ? ? ? ? ? WATSON-CRICK ? ? ? 
hydrog15 hydrog ? ? A DG 6  N2 ? ? ? 1_555 A DC 13 O2 ? ? A DG 6  A DC 13 7_465 ? ? ? ? ? ? 'DG-DC PAIR' ? ? ? 
hydrog16 hydrog ? ? A DG 7  N1 ? ? ? 1_555 A DC 12 N3 ? ? A DG 7  A DC 12 7_465 ? ? ? ? ? ? WATSON-CRICK ? ? ? 
hydrog17 hydrog ? ? A DG 7  N2 ? ? ? 1_555 A DC 12 O2 ? ? A DG 7  A DC 12 7_465 ? ? ? ? ? ? WATSON-CRICK ? ? ? 
hydrog18 hydrog ? ? A DG 7  O6 ? ? ? 1_555 A DC 12 N4 ? ? A DG 7  A DC 12 7_465 ? ? ? ? ? ? WATSON-CRICK ? ? ? 
hydrog19 hydrog ? ? A DC 8  N3 ? ? ? 1_555 A DG 11 N1 ? ? A DC 8  A DG 11 7_465 ? ? ? ? ? ? WATSON-CRICK ? ? ? 
hydrog20 hydrog ? ? A DC 8  N4 ? ? ? 1_555 A DG 11 O6 ? ? A DC 8  A DG 11 7_465 ? ? ? ? ? ? WATSON-CRICK ? ? ? 
hydrog21 hydrog ? ? A DC 8  O2 ? ? ? 1_555 A DG 11 N2 ? ? A DC 8  A DG 11 7_465 ? ? ? ? ? ? WATSON-CRICK ? ? ? 
hydrog22 hydrog ? ? A DC 9  N3 ? ? ? 1_555 A DG 10 N2 ? ? A DC 9  A DG 10 7_465 ? ? ? ? ? ? 'DC-DG PAIR' ? ? ? 
hydrog23 hydrog ? ? A DG 10 N2 ? ? ? 1_555 A DC 9  N3 ? ? A DG 10 A DC 9  7_465 ? ? ? ? ? ? 'DG-DC PAIR' ? ? ? 
hydrog24 hydrog ? ? A DG 11 N1 ? ? ? 1_555 A DC 8  N3 ? ? A DG 11 A DC 8  7_465 ? ? ? ? ? ? WATSON-CRICK ? ? ? 
hydrog25 hydrog ? ? A DG 11 N2 ? ? ? 1_555 A DC 8  O2 ? ? A DG 11 A DC 8  7_465 ? ? ? ? ? ? WATSON-CRICK ? ? ? 
hydrog26 hydrog ? ? A DG 11 O6 ? ? ? 1_555 A DC 8  N4 ? ? A DG 11 A DC 8  7_465 ? ? ? ? ? ? WATSON-CRICK ? ? ? 
hydrog27 hydrog ? ? A DC 12 N3 ? ? ? 1_555 A DG 7  N1 ? ? A DC 12 A DG 7  7_465 ? ? ? ? ? ? WATSON-CRICK ? ? ? 
hydrog28 hydrog ? ? A DC 12 N4 ? ? ? 1_555 A DG 7  O6 ? ? A DC 12 A DG 7  7_465 ? ? ? ? ? ? WATSON-CRICK ? ? ? 
hydrog29 hydrog ? ? A DC 12 O2 ? ? ? 1_555 A DG 7  N2 ? ? A DC 12 A DG 7  7_465 ? ? ? ? ? ? WATSON-CRICK ? ? ? 
hydrog30 hydrog ? ? A DC 13 O2 ? ? ? 1_555 A DG 6  N2 ? ? A DC 13 A DG 6  7_465 ? ? ? ? ? ? 'DC-DG PAIR' ? ? ? 
hydrog31 hydrog ? ? A DC 14 N3 ? ? ? 1_555 A DG 5  N1 ? ? A DC 14 A DG 5  7_465 ? ? ? ? ? ? WATSON-CRICK ? ? ? 
hydrog32 hydrog ? ? A DC 14 N4 ? ? ? 1_555 A DG 5  O6 ? ? A DC 14 A DG 5  7_465 ? ? ? ? ? ? WATSON-CRICK ? ? ? 
hydrog33 hydrog ? ? A DC 14 O2 ? ? ? 1_555 A DG 5  N2 ? ? A DC 14 A DG 5  7_465 ? ? ? ? ? ? WATSON-CRICK ? ? ? 
hydrog34 hydrog ? ? A DC 15 N3 ? ? ? 1_555 A DG 4  N1 ? ? A DC 15 A DG 4  7_465 ? ? ? ? ? ? WATSON-CRICK ? ? ? 
hydrog35 hydrog ? ? A DC 15 N4 ? ? ? 1_555 A DG 4  O6 ? ? A DC 15 A DG 4  7_465 ? ? ? ? ? ? WATSON-CRICK ? ? ? 
hydrog36 hydrog ? ? A DC 15 O2 ? ? ? 1_555 A DG 4  N2 ? ? A DC 15 A DG 4  7_465 ? ? ? ? ? ? WATSON-CRICK ? ? ? 
hydrog37 hydrog ? ? A DA 16 N1 ? ? ? 1_555 A DT 3  N3 ? ? A DA 16 A DT 3  7_465 ? ? ? ? ? ? WATSON-CRICK ? ? ? 
hydrog38 hydrog ? ? A DA 16 N6 ? ? ? 1_555 A DT 3  O4 ? ? A DA 16 A DT 3  7_465 ? ? ? ? ? ? WATSON-CRICK ? ? ? 
hydrog39 hydrog ? ? A DC 17 N3 ? ? ? 1_555 A DG 2  N1 ? ? A DC 17 A DG 2  7_465 ? ? ? ? ? ? WATSON-CRICK ? ? ? 
hydrog40 hydrog ? ? A DC 17 N4 ? ? ? 1_555 A DG 2  O6 ? ? A DC 17 A DG 2  7_465 ? ? ? ? ? ? WATSON-CRICK ? ? ? 
hydrog41 hydrog ? ? A DC 17 O2 ? ? ? 1_555 A DG 2  N2 ? ? A DC 17 A DG 2  7_465 ? ? ? ? ? ? WATSON-CRICK ? ? ? 
hydrog42 hydrog ? ? A DC 18 N3 ? ? ? 1_555 A DG 1  N1 ? ? A DC 18 A DG 1  7_465 ? ? ? ? ? ? WATSON-CRICK ? ? ? 
hydrog43 hydrog ? ? A DC 18 N4 ? ? ? 1_555 A DG 1  O6 ? ? A DC 18 A DG 1  7_465 ? ? ? ? ? ? WATSON-CRICK ? ? ? 
hydrog44 hydrog ? ? A DC 18 O2 ? ? ? 1_555 A DG 1  N2 ? ? A DC 18 A DG 1  7_465 ? ? ? ? ? ? WATSON-CRICK ? ? ? 
# 
_struct_conn_type.id          hydrog 
_struct_conn_type.criteria    ? 
_struct_conn_type.reference   ? 
# 
_pdbx_validate_rmsd_bond.id                        1 
_pdbx_validate_rmsd_bond.PDB_model_num             1 
_pdbx_validate_rmsd_bond.auth_atom_id_1            "O3'" 
_pdbx_validate_rmsd_bond.auth_asym_id_1            A 
_pdbx_validate_rmsd_bond.auth_comp_id_1            DA 
_pdbx_validate_rmsd_bond.auth_seq_id_1             16 
_pdbx_validate_rmsd_bond.PDB_ins_code_1            ? 
_pdbx_validate_rmsd_bond.label_alt_id_1            ? 
_pdbx_validate_rmsd_bond.auth_atom_id_2            "C3'" 
_pdbx_validate_rmsd_bond.auth_asym_id_2            A 
_pdbx_validate_rmsd_bond.auth_comp_id_2            DA 
_pdbx_validate_rmsd_bond.auth_seq_id_2             16 
_pdbx_validate_rmsd_bond.PDB_ins_code_2            ? 
_pdbx_validate_rmsd_bond.label_alt_id_2            ? 
_pdbx_validate_rmsd_bond.bond_value                1.374 
_pdbx_validate_rmsd_bond.bond_target_value         1.419 
_pdbx_validate_rmsd_bond.bond_deviation            -0.045 
_pdbx_validate_rmsd_bond.bond_standard_deviation   0.006 
_pdbx_validate_rmsd_bond.linker_flag               N 
# 
_pdbx_validate_rmsd_angle.id                         1 
_pdbx_validate_rmsd_angle.PDB_model_num              1 
_pdbx_validate_rmsd_angle.auth_atom_id_1             "O4'" 
_pdbx_validate_rmsd_angle.auth_asym_id_1             A 
_pdbx_validate_rmsd_angle.auth_comp_id_1             DG 
_pdbx_validate_rmsd_angle.auth_seq_id_1              4 
_pdbx_validate_rmsd_angle.PDB_ins_code_1             ? 
_pdbx_validate_rmsd_angle.label_alt_id_1             ? 
_pdbx_validate_rmsd_angle.auth_atom_id_2             "C1'" 
_pdbx_validate_rmsd_angle.auth_asym_id_2             A 
_pdbx_validate_rmsd_angle.auth_comp_id_2             DG 
_pdbx_validate_rmsd_angle.auth_seq_id_2              4 
_pdbx_validate_rmsd_angle.PDB_ins_code_2             ? 
_pdbx_validate_rmsd_angle.label_alt_id_2             ? 
_pdbx_validate_rmsd_angle.auth_atom_id_3             N9 
_pdbx_validate_rmsd_angle.auth_asym_id_3             A 
_pdbx_validate_rmsd_angle.auth_comp_id_3             DG 
_pdbx_validate_rmsd_angle.auth_seq_id_3              4 
_pdbx_validate_rmsd_angle.PDB_ins_code_3             ? 
_pdbx_validate_rmsd_angle.label_alt_id_3             ? 
_pdbx_validate_rmsd_angle.angle_value                110.79 
_pdbx_validate_rmsd_angle.angle_target_value         108.30 
_pdbx_validate_rmsd_angle.angle_deviation            2.49 
_pdbx_validate_rmsd_angle.angle_standard_deviation   0.30 
_pdbx_validate_rmsd_angle.linker_flag                N 
# 
loop_
_space_group_symop.id 
_space_group_symop.operation_xyz 
1 x,y,z               
2 -y+1/2,x+1/2,z+3/4  
3 y+1/2,-x+1/2,z+1/4  
4 x+1/2,-y+1/2,-z+1/4 
5 -x+1/2,y+1/2,-z+3/4 
6 -x,-y,z+1/2         
7 y,x,-z              
8 -y,-x,-z+1/2        
# 
_pdbx_entry_details.entry_id                 7Z7U 
_pdbx_entry_details.has_ligand_of_interest   N 
_pdbx_entry_details.compound_details         ? 
_pdbx_entry_details.source_details           ? 
_pdbx_entry_details.nonpolymer_details       ? 
_pdbx_entry_details.sequence_details         ? 
# 
loop_
_chem_comp_atom.comp_id 
_chem_comp_atom.atom_id 
_chem_comp_atom.type_symbol 
_chem_comp_atom.pdbx_aromatic_flag 
_chem_comp_atom.pdbx_stereo_config 
_chem_comp_atom.pdbx_ordinal 
DA OP3    O  N N 1   
DA P      P  N N 2   
DA OP1    O  N N 3   
DA OP2    O  N N 4   
DA "O5'"  O  N N 5   
DA "C5'"  C  N N 6   
DA "C4'"  C  N R 7   
DA "O4'"  O  N N 8   
DA "C3'"  C  N S 9   
DA "O3'"  O  N N 10  
DA "C2'"  C  N N 11  
DA "C1'"  C  N R 12  
DA N9     N  Y N 13  
DA C8     C  Y N 14  
DA N7     N  Y N 15  
DA C5     C  Y N 16  
DA C6     C  Y N 17  
DA N6     N  N N 18  
DA N1     N  Y N 19  
DA C2     C  Y N 20  
DA N3     N  Y N 21  
DA C4     C  Y N 22  
DA HOP3   H  N N 23  
DA HOP2   H  N N 24  
DA "H5'"  H  N N 25  
DA "H5''" H  N N 26  
DA "H4'"  H  N N 27  
DA "H3'"  H  N N 28  
DA "HO3'" H  N N 29  
DA "H2'"  H  N N 30  
DA "H2''" H  N N 31  
DA "H1'"  H  N N 32  
DA H8     H  N N 33  
DA H61    H  N N 34  
DA H62    H  N N 35  
DA H2     H  N N 36  
DC OP3    O  N N 37  
DC P      P  N N 38  
DC OP1    O  N N 39  
DC OP2    O  N N 40  
DC "O5'"  O  N N 41  
DC "C5'"  C  N N 42  
DC "C4'"  C  N R 43  
DC "O4'"  O  N N 44  
DC "C3'"  C  N S 45  
DC "O3'"  O  N N 46  
DC "C2'"  C  N N 47  
DC "C1'"  C  N R 48  
DC N1     N  N N 49  
DC C2     C  N N 50  
DC O2     O  N N 51  
DC N3     N  N N 52  
DC C4     C  N N 53  
DC N4     N  N N 54  
DC C5     C  N N 55  
DC C6     C  N N 56  
DC HOP3   H  N N 57  
DC HOP2   H  N N 58  
DC "H5'"  H  N N 59  
DC "H5''" H  N N 60  
DC "H4'"  H  N N 61  
DC "H3'"  H  N N 62  
DC "HO3'" H  N N 63  
DC "H2'"  H  N N 64  
DC "H2''" H  N N 65  
DC "H1'"  H  N N 66  
DC H41    H  N N 67  
DC H42    H  N N 68  
DC H5     H  N N 69  
DC H6     H  N N 70  
DG OP3    O  N N 71  
DG P      P  N N 72  
DG OP1    O  N N 73  
DG OP2    O  N N 74  
DG "O5'"  O  N N 75  
DG "C5'"  C  N N 76  
DG "C4'"  C  N R 77  
DG "O4'"  O  N N 78  
DG "C3'"  C  N S 79  
DG "O3'"  O  N N 80  
DG "C2'"  C  N N 81  
DG "C1'"  C  N R 82  
DG N9     N  Y N 83  
DG C8     C  Y N 84  
DG N7     N  Y N 85  
DG C5     C  Y N 86  
DG C6     C  N N 87  
DG O6     O  N N 88  
DG N1     N  N N 89  
DG C2     C  N N 90  
DG N2     N  N N 91  
DG N3     N  N N 92  
DG C4     C  Y N 93  
DG HOP3   H  N N 94  
DG HOP2   H  N N 95  
DG "H5'"  H  N N 96  
DG "H5''" H  N N 97  
DG "H4'"  H  N N 98  
DG "H3'"  H  N N 99  
DG "HO3'" H  N N 100 
DG "H2'"  H  N N 101 
DG "H2''" H  N N 102 
DG "H1'"  H  N N 103 
DG H8     H  N N 104 
DG H1     H  N N 105 
DG H21    H  N N 106 
DG H22    H  N N 107 
DT OP3    O  N N 108 
DT P      P  N N 109 
DT OP1    O  N N 110 
DT OP2    O  N N 111 
DT "O5'"  O  N N 112 
DT "C5'"  C  N N 113 
DT "C4'"  C  N R 114 
DT "O4'"  O  N N 115 
DT "C3'"  C  N S 116 
DT "O3'"  O  N N 117 
DT "C2'"  C  N N 118 
DT "C1'"  C  N R 119 
DT N1     N  N N 120 
DT C2     C  N N 121 
DT O2     O  N N 122 
DT N3     N  N N 123 
DT C4     C  N N 124 
DT O4     O  N N 125 
DT C5     C  N N 126 
DT C7     C  N N 127 
DT C6     C  N N 128 
DT HOP3   H  N N 129 
DT HOP2   H  N N 130 
DT "H5'"  H  N N 131 
DT "H5''" H  N N 132 
DT "H4'"  H  N N 133 
DT "H3'"  H  N N 134 
DT "HO3'" H  N N 135 
DT "H2'"  H  N N 136 
DT "H2''" H  N N 137 
DT "H1'"  H  N N 138 
DT H3     H  N N 139 
DT H71    H  N N 140 
DT H72    H  N N 141 
DT H73    H  N N 142 
DT H6     H  N N 143 
SR SR     SR N N 144 
# 
loop_
_chem_comp_bond.comp_id 
_chem_comp_bond.atom_id_1 
_chem_comp_bond.atom_id_2 
_chem_comp_bond.value_order 
_chem_comp_bond.pdbx_aromatic_flag 
_chem_comp_bond.pdbx_stereo_config 
_chem_comp_bond.pdbx_ordinal 
DA OP3   P      sing N N 1   
DA OP3   HOP3   sing N N 2   
DA P     OP1    doub N N 3   
DA P     OP2    sing N N 4   
DA P     "O5'"  sing N N 5   
DA OP2   HOP2   sing N N 6   
DA "O5'" "C5'"  sing N N 7   
DA "C5'" "C4'"  sing N N 8   
DA "C5'" "H5'"  sing N N 9   
DA "C5'" "H5''" sing N N 10  
DA "C4'" "O4'"  sing N N 11  
DA "C4'" "C3'"  sing N N 12  
DA "C4'" "H4'"  sing N N 13  
DA "O4'" "C1'"  sing N N 14  
DA "C3'" "O3'"  sing N N 15  
DA "C3'" "C2'"  sing N N 16  
DA "C3'" "H3'"  sing N N 17  
DA "O3'" "HO3'" sing N N 18  
DA "C2'" "C1'"  sing N N 19  
DA "C2'" "H2'"  sing N N 20  
DA "C2'" "H2''" sing N N 21  
DA "C1'" N9     sing N N 22  
DA "C1'" "H1'"  sing N N 23  
DA N9    C8     sing Y N 24  
DA N9    C4     sing Y N 25  
DA C8    N7     doub Y N 26  
DA C8    H8     sing N N 27  
DA N7    C5     sing Y N 28  
DA C5    C6     sing Y N 29  
DA C5    C4     doub Y N 30  
DA C6    N6     sing N N 31  
DA C6    N1     doub Y N 32  
DA N6    H61    sing N N 33  
DA N6    H62    sing N N 34  
DA N1    C2     sing Y N 35  
DA C2    N3     doub Y N 36  
DA C2    H2     sing N N 37  
DA N3    C4     sing Y N 38  
DC OP3   P      sing N N 39  
DC OP3   HOP3   sing N N 40  
DC P     OP1    doub N N 41  
DC P     OP2    sing N N 42  
DC P     "O5'"  sing N N 43  
DC OP2   HOP2   sing N N 44  
DC "O5'" "C5'"  sing N N 45  
DC "C5'" "C4'"  sing N N 46  
DC "C5'" "H5'"  sing N N 47  
DC "C5'" "H5''" sing N N 48  
DC "C4'" "O4'"  sing N N 49  
DC "C4'" "C3'"  sing N N 50  
DC "C4'" "H4'"  sing N N 51  
DC "O4'" "C1'"  sing N N 52  
DC "C3'" "O3'"  sing N N 53  
DC "C3'" "C2'"  sing N N 54  
DC "C3'" "H3'"  sing N N 55  
DC "O3'" "HO3'" sing N N 56  
DC "C2'" "C1'"  sing N N 57  
DC "C2'" "H2'"  sing N N 58  
DC "C2'" "H2''" sing N N 59  
DC "C1'" N1     sing N N 60  
DC "C1'" "H1'"  sing N N 61  
DC N1    C2     sing N N 62  
DC N1    C6     sing N N 63  
DC C2    O2     doub N N 64  
DC C2    N3     sing N N 65  
DC N3    C4     doub N N 66  
DC C4    N4     sing N N 67  
DC C4    C5     sing N N 68  
DC N4    H41    sing N N 69  
DC N4    H42    sing N N 70  
DC C5    C6     doub N N 71  
DC C5    H5     sing N N 72  
DC C6    H6     sing N N 73  
DG OP3   P      sing N N 74  
DG OP3   HOP3   sing N N 75  
DG P     OP1    doub N N 76  
DG P     OP2    sing N N 77  
DG P     "O5'"  sing N N 78  
DG OP2   HOP2   sing N N 79  
DG "O5'" "C5'"  sing N N 80  
DG "C5'" "C4'"  sing N N 81  
DG "C5'" "H5'"  sing N N 82  
DG "C5'" "H5''" sing N N 83  
DG "C4'" "O4'"  sing N N 84  
DG "C4'" "C3'"  sing N N 85  
DG "C4'" "H4'"  sing N N 86  
DG "O4'" "C1'"  sing N N 87  
DG "C3'" "O3'"  sing N N 88  
DG "C3'" "C2'"  sing N N 89  
DG "C3'" "H3'"  sing N N 90  
DG "O3'" "HO3'" sing N N 91  
DG "C2'" "C1'"  sing N N 92  
DG "C2'" "H2'"  sing N N 93  
DG "C2'" "H2''" sing N N 94  
DG "C1'" N9     sing N N 95  
DG "C1'" "H1'"  sing N N 96  
DG N9    C8     sing Y N 97  
DG N9    C4     sing Y N 98  
DG C8    N7     doub Y N 99  
DG C8    H8     sing N N 100 
DG N7    C5     sing Y N 101 
DG C5    C6     sing N N 102 
DG C5    C4     doub Y N 103 
DG C6    O6     doub N N 104 
DG C6    N1     sing N N 105 
DG N1    C2     sing N N 106 
DG N1    H1     sing N N 107 
DG C2    N2     sing N N 108 
DG C2    N3     doub N N 109 
DG N2    H21    sing N N 110 
DG N2    H22    sing N N 111 
DG N3    C4     sing N N 112 
DT OP3   P      sing N N 113 
DT OP3   HOP3   sing N N 114 
DT P     OP1    doub N N 115 
DT P     OP2    sing N N 116 
DT P     "O5'"  sing N N 117 
DT OP2   HOP2   sing N N 118 
DT "O5'" "C5'"  sing N N 119 
DT "C5'" "C4'"  sing N N 120 
DT "C5'" "H5'"  sing N N 121 
DT "C5'" "H5''" sing N N 122 
DT "C4'" "O4'"  sing N N 123 
DT "C4'" "C3'"  sing N N 124 
DT "C4'" "H4'"  sing N N 125 
DT "O4'" "C1'"  sing N N 126 
DT "C3'" "O3'"  sing N N 127 
DT "C3'" "C2'"  sing N N 128 
DT "C3'" "H3'"  sing N N 129 
DT "O3'" "HO3'" sing N N 130 
DT "C2'" "C1'"  sing N N 131 
DT "C2'" "H2'"  sing N N 132 
DT "C2'" "H2''" sing N N 133 
DT "C1'" N1     sing N N 134 
DT "C1'" "H1'"  sing N N 135 
DT N1    C2     sing N N 136 
DT N1    C6     sing N N 137 
DT C2    O2     doub N N 138 
DT C2    N3     sing N N 139 
DT N3    C4     sing N N 140 
DT N3    H3     sing N N 141 
DT C4    O4     doub N N 142 
DT C4    C5     sing N N 143 
DT C5    C7     sing N N 144 
DT C5    C6     doub N N 145 
DT C7    H71    sing N N 146 
DT C7    H72    sing N N 147 
DT C7    H73    sing N N 148 
DT C6    H6     sing N N 149 
# 
_ndb_struct_conf_na.entry_id   7Z7U 
_ndb_struct_conf_na.feature    'a-form double helix' 
# 
loop_
_ndb_struct_na_base_pair.model_number 
_ndb_struct_na_base_pair.i_label_asym_id 
_ndb_struct_na_base_pair.i_label_comp_id 
_ndb_struct_na_base_pair.i_label_seq_id 
_ndb_struct_na_base_pair.i_symmetry 
_ndb_struct_na_base_pair.j_label_asym_id 
_ndb_struct_na_base_pair.j_label_comp_id 
_ndb_struct_na_base_pair.j_label_seq_id 
_ndb_struct_na_base_pair.j_symmetry 
_ndb_struct_na_base_pair.shear 
_ndb_struct_na_base_pair.stretch 
_ndb_struct_na_base_pair.stagger 
_ndb_struct_na_base_pair.buckle 
_ndb_struct_na_base_pair.propeller 
_ndb_struct_na_base_pair.opening 
_ndb_struct_na_base_pair.pair_number 
_ndb_struct_na_base_pair.pair_name 
_ndb_struct_na_base_pair.i_auth_asym_id 
_ndb_struct_na_base_pair.i_auth_seq_id 
_ndb_struct_na_base_pair.i_PDB_ins_code 
_ndb_struct_na_base_pair.j_auth_asym_id 
_ndb_struct_na_base_pair.j_auth_seq_id 
_ndb_struct_na_base_pair.j_PDB_ins_code 
_ndb_struct_na_base_pair.hbond_type_28 
_ndb_struct_na_base_pair.hbond_type_12 
1 A DG 1  1_555 A DC 18 7_465 0.090  0.163  -0.258 -11.238 -4.459  -8.307 1  A_DG1:DC18_A A 1  ? A 18 ? 19 1 
1 A DG 2  1_555 A DC 17 7_465 -0.740 0.102  0.253  1.813   -14.971 7.882  2  A_DG2:DC17_A A 2  ? A 17 ? 19 1 
1 A DT 3  1_555 A DA 16 7_465 0.133  -0.126 0.784  -0.266  -16.548 4.458  3  A_DT3:DA16_A A 3  ? A 16 ? 20 1 
1 A DG 4  1_555 A DC 15 7_465 -0.403 -0.237 0.907  13.549  -13.955 3.126  4  A_DG4:DC15_A A 4  ? A 15 ? 19 1 
1 A DG 5  1_555 A DC 14 7_465 -0.201 -0.087 0.313  0.431   -8.235  5.024  5  A_DG5:DC14_A A 5  ? A 14 ? 19 1 
1 A DG 6  1_555 A DC 13 7_465 0.069  0.428  0.183  -7.622  -4.065  15.398 6  A_DG6:DC13_A A 6  ? A 13 ? ?  1 
1 A DG 7  1_555 A DC 12 7_465 0.622  0.335  -0.263 -6.476  -10.254 -2.431 7  A_DG7:DC12_A A 7  ? A 12 ? 19 1 
1 A DC 8  1_555 A DG 11 7_465 -0.078 -0.112 0.210  -7.625  -20.898 3.743  8  A_DC8:DG11_A A 8  ? A 11 ? 19 1 
1 A DC 9  1_555 A DG 10 7_465 -2.977 0.112  0.158  -4.965  -19.413 2.237  9  A_DC9:DG10_A A 9  ? A 10 ? ?  ? 
1 A DG 10 1_555 A DC 9  7_465 2.977  0.112  0.158  4.965   -19.413 2.237  10 A_DG10:DC9_A A 10 ? A 9  ? ?  ? 
1 A DG 11 1_555 A DC 8  7_465 0.078  -0.112 0.210  7.625   -20.898 3.743  11 A_DG11:DC8_A A 11 ? A 8  ? 19 1 
1 A DC 12 1_555 A DG 7  7_465 -0.622 0.335  -0.263 6.476   -10.254 -2.431 12 A_DC12:DG7_A A 12 ? A 7  ? 19 1 
1 A DC 13 1_555 A DG 6  7_465 -0.069 0.428  0.183  7.622   -4.065  15.398 13 A_DC13:DG6_A A 13 ? A 6  ? ?  1 
1 A DC 14 1_555 A DG 5  7_465 0.201  -0.087 0.313  -0.431  -8.235  5.024  14 A_DC14:DG5_A A 14 ? A 5  ? 19 1 
1 A DC 15 1_555 A DG 4  7_465 0.403  -0.237 0.907  -13.549 -13.955 3.126  15 A_DC15:DG4_A A 15 ? A 4  ? 19 1 
1 A DA 16 1_555 A DT 3  7_465 -0.133 -0.126 0.784  0.266   -16.548 4.458  16 A_DA16:DT3_A A 16 ? A 3  ? 20 1 
1 A DC 17 1_555 A DG 2  7_465 0.740  0.102  0.253  -1.813  -14.971 7.882  17 A_DC17:DG2_A A 17 ? A 2  ? 19 1 
1 A DC 18 1_555 A DG 1  7_465 -0.090 0.163  -0.258 11.238  -4.459  -8.307 18 A_DC18:DG1_A A 18 ? A 1  ? 19 1 
# 
loop_
_ndb_struct_na_base_pair_step.model_number 
_ndb_struct_na_base_pair_step.i_label_asym_id_1 
_ndb_struct_na_base_pair_step.i_label_comp_id_1 
_ndb_struct_na_base_pair_step.i_label_seq_id_1 
_ndb_struct_na_base_pair_step.i_symmetry_1 
_ndb_struct_na_base_pair_step.j_label_asym_id_1 
_ndb_struct_na_base_pair_step.j_label_comp_id_1 
_ndb_struct_na_base_pair_step.j_label_seq_id_1 
_ndb_struct_na_base_pair_step.j_symmetry_1 
_ndb_struct_na_base_pair_step.i_label_asym_id_2 
_ndb_struct_na_base_pair_step.i_label_comp_id_2 
_ndb_struct_na_base_pair_step.i_label_seq_id_2 
_ndb_struct_na_base_pair_step.i_symmetry_2 
_ndb_struct_na_base_pair_step.j_label_asym_id_2 
_ndb_struct_na_base_pair_step.j_label_comp_id_2 
_ndb_struct_na_base_pair_step.j_label_seq_id_2 
_ndb_struct_na_base_pair_step.j_symmetry_2 
_ndb_struct_na_base_pair_step.shift 
_ndb_struct_na_base_pair_step.slide 
_ndb_struct_na_base_pair_step.rise 
_ndb_struct_na_base_pair_step.tilt 
_ndb_struct_na_base_pair_step.roll 
_ndb_struct_na_base_pair_step.twist 
_ndb_struct_na_base_pair_step.x_displacement 
_ndb_struct_na_base_pair_step.y_displacement 
_ndb_struct_na_base_pair_step.helical_rise 
_ndb_struct_na_base_pair_step.inclination 
_ndb_struct_na_base_pair_step.tip 
_ndb_struct_na_base_pair_step.helical_twist 
_ndb_struct_na_base_pair_step.step_number 
_ndb_struct_na_base_pair_step.step_name 
_ndb_struct_na_base_pair_step.i_auth_asym_id_1 
_ndb_struct_na_base_pair_step.i_auth_seq_id_1 
_ndb_struct_na_base_pair_step.i_PDB_ins_code_1 
_ndb_struct_na_base_pair_step.j_auth_asym_id_1 
_ndb_struct_na_base_pair_step.j_auth_seq_id_1 
_ndb_struct_na_base_pair_step.j_PDB_ins_code_1 
_ndb_struct_na_base_pair_step.i_auth_asym_id_2 
_ndb_struct_na_base_pair_step.i_auth_seq_id_2 
_ndb_struct_na_base_pair_step.i_PDB_ins_code_2 
_ndb_struct_na_base_pair_step.j_auth_asym_id_2 
_ndb_struct_na_base_pair_step.j_auth_seq_id_2 
_ndb_struct_na_base_pair_step.j_PDB_ins_code_2 
1 A DG 1  1_555 A DC 18 7_465 A DG 2  1_555 A DC 17 7_465 0.967  -1.122 2.839 -3.256 6.639  27.839 -3.465 -2.537 2.387 13.500 
6.622  28.785 1  AA_DG1DG2:DC17DC18_AA A 1  ? A 18 ? A 2  ? A 17 ? 
1 A DG 2  1_555 A DC 17 7_465 A DT 3  1_555 A DA 16 7_465 0.210  -1.271 3.466 -0.703 -3.720 38.506 -1.427 -0.410 3.564 -5.625 
1.062  38.685 2  AA_DG2DT3:DA16DC17_AA A 2  ? A 17 ? A 3  ? A 16 ? 
1 A DT 3  1_555 A DA 16 7_465 A DG 4  1_555 A DC 15 7_465 -0.071 -1.811 2.614 -1.208 7.936  24.468 -5.658 -0.083 1.941 18.112 
2.757  25.732 3  AA_DT3DG4:DC15DA16_AA A 3  ? A 16 ? A 4  ? A 15 ? 
1 A DG 4  1_555 A DC 15 7_465 A DG 5  1_555 A DC 14 7_465 -0.202 -1.625 3.357 0.529  7.160  33.470 -3.865 0.424  2.953 12.257 
-0.905 34.210 4  AA_DG4DG5:DC14DC15_AA A 4  ? A 15 ? A 5  ? A 14 ? 
1 A DG 5  1_555 A DC 14 7_465 A DG 6  1_555 A DC 13 7_465 0.642  -1.580 3.198 1.111  5.833  33.770 -3.543 -0.924 2.911 9.946  
-1.894 34.274 5  AA_DG5DG6:DC13DC14_AA A 5  ? A 14 ? A 6  ? A 13 ? 
1 A DG 6  1_555 A DC 13 7_465 A DG 7  1_555 A DC 12 7_465 -0.800 -2.231 3.010 3.956  8.751  31.487 -5.162 1.965  2.213 15.676 
-7.086 32.884 6  AA_DG6DG7:DC12DC13_AA A 6  ? A 13 ? A 7  ? A 12 ? 
1 A DG 7  1_555 A DC 12 7_465 A DC 8  1_555 A DG 11 7_465 -0.405 -1.390 3.346 -0.799 2.309  28.562 -3.332 0.637  3.235 4.670  
1.616  28.664 7  AA_DG7DC8:DG11DC12_AA A 7  ? A 12 ? A 8  ? A 11 ? 
1 A DC 8  1_555 A DG 11 7_465 A DC 9  1_555 A DG 10 7_465 0.316  -1.107 2.877 -1.250 12.943 20.022 -5.992 -1.085 1.810 33.094 
3.197  23.838 8  AA_DC8DC9:DG10DG11_AA A 8  ? A 11 ? A 9  ? A 10 ? 
1 A DC 9  1_555 A DG 10 7_465 A DG 10 1_555 A DC 9  7_465 0.000  -0.285 3.350 0.000  12.469 53.295 -1.075 0.000  3.214 13.690 
0.000  54.630 9  AA_DC9DG10:DC9DG10_AA A 9  ? A 10 ? A 10 ? A 9  ? 
1 A DG 10 1_555 A DC 9  7_465 A DG 11 1_555 A DC 8  7_465 -0.316 -1.107 2.877 1.250  12.943 20.022 -5.992 1.085  1.810 33.094 
-3.197 23.838 10 AA_DG10DG11:DC8DC9_AA A 10 ? A 9  ? A 11 ? A 8  ? 
1 A DG 11 1_555 A DC 8  7_465 A DC 12 1_555 A DG 7  7_465 0.405  -1.390 3.346 0.799  2.309  28.562 -3.332 -0.637 3.235 4.670  
-1.616 28.664 11 AA_DG11DC12:DG7DC8_AA A 11 ? A 8  ? A 12 ? A 7  ? 
1 A DC 12 1_555 A DG 7  7_465 A DC 13 1_555 A DG 6  7_465 0.800  -2.231 3.010 -3.956 8.751  31.487 -5.162 -1.965 2.213 15.676 
7.086  32.884 12 AA_DC12DC13:DG6DG7_AA A 12 ? A 7  ? A 13 ? A 6  ? 
1 A DC 13 1_555 A DG 6  7_465 A DC 14 1_555 A DG 5  7_465 -0.642 -1.580 3.198 -1.111 5.833  33.770 -3.543 0.924  2.911 9.946  
1.894  34.274 13 AA_DC13DC14:DG5DG6_AA A 13 ? A 6  ? A 14 ? A 5  ? 
1 A DC 14 1_555 A DG 5  7_465 A DC 15 1_555 A DG 4  7_465 0.202  -1.625 3.357 -0.529 7.160  33.470 -3.865 -0.424 2.953 12.257 
0.905  34.210 14 AA_DC14DC15:DG4DG5_AA A 14 ? A 5  ? A 15 ? A 4  ? 
1 A DC 15 1_555 A DG 4  7_465 A DA 16 1_555 A DT 3  7_465 0.071  -1.811 2.614 1.208  7.936  24.468 -5.658 0.083  1.941 18.112 
-2.757 25.732 15 AA_DC15DA16:DT3DG4_AA A 15 ? A 4  ? A 16 ? A 3  ? 
1 A DA 16 1_555 A DT 3  7_465 A DC 17 1_555 A DG 2  7_465 -0.210 -1.271 3.466 0.703  -3.720 38.506 -1.427 0.410  3.564 -5.625 
-1.062 38.685 16 AA_DA16DC17:DG2DT3_AA A 16 ? A 3  ? A 17 ? A 2  ? 
1 A DC 17 1_555 A DG 2  7_465 A DC 18 1_555 A DG 1  7_465 -0.967 -1.122 2.839 3.256  6.639  27.839 -3.465 2.537  2.387 13.500 
-6.622 28.785 17 AA_DC17DC18:DG1DG2_AA A 17 ? A 2  ? A 18 ? A 1  ? 
# 
loop_
_pdbx_audit_support.funding_organization 
_pdbx_audit_support.country 
_pdbx_audit_support.grant_number 
_pdbx_audit_support.ordinal 
'Ministry of Education, Youth and Sports of the Czech Republic' 'Czech Republic' LTAUSA18197    1 
'Czech Academy of Sciences'                                     'Czech Republic' 'RVO 86652036' 2 
# 
_pdbx_initial_refinement_model.id               1 
_pdbx_initial_refinement_model.entity_id_list   ? 
_pdbx_initial_refinement_model.type             'experimental model' 
_pdbx_initial_refinement_model.source_name      PDB 
_pdbx_initial_refinement_model.accession_code   6ROS 
_pdbx_initial_refinement_model.details          ? 
# 
_pdbx_related_exp_data_set.ordinal              1 
_pdbx_related_exp_data_set.data_reference       10.5281/zenodo.6336839 
_pdbx_related_exp_data_set.metadata_reference   ? 
_pdbx_related_exp_data_set.data_set_type        'diffraction image data' 
_pdbx_related_exp_data_set.details              ? 
# 
_space_group.name_H-M_alt     'P 43 21 2' 
_space_group.name_Hall        'P 4nw 2abw' 
_space_group.IT_number        96 
_space_group.crystal_system   tetragonal 
_space_group.id               1 
# 
_atom_sites.entry_id                    7Z7U 
_atom_sites.Cartn_transf_matrix[1][1]   ? 
_atom_sites.Cartn_transf_matrix[1][2]   ? 
_atom_sites.Cartn_transf_matrix[1][3]   ? 
_atom_sites.Cartn_transf_matrix[2][1]   ? 
_atom_sites.Cartn_transf_matrix[2][2]   ? 
_atom_sites.Cartn_transf_matrix[2][3]   ? 
_atom_sites.Cartn_transf_matrix[3][1]   ? 
_atom_sites.Cartn_transf_matrix[3][2]   ? 
_atom_sites.Cartn_transf_matrix[3][3]   ? 
_atom_sites.Cartn_transf_vector[1]      ? 
_atom_sites.Cartn_transf_vector[2]      ? 
_atom_sites.Cartn_transf_vector[3]      ? 
_atom_sites.fract_transf_matrix[1][1]   -0.02187026 
_atom_sites.fract_transf_matrix[1][2]   0.01411042 
_atom_sites.fract_transf_matrix[1][3]   -0.00225910 
_atom_sites.fract_transf_matrix[2][1]   -0.00667224 
_atom_sites.fract_transf_matrix[2][2]   -0.01373531 
_atom_sites.fract_transf_matrix[2][3]   -0.02119760 
_atom_sites.fract_transf_matrix[3][1]   -0.00553939 
_atom_sites.fract_transf_matrix[3][2]   -0.00752582 
_atom_sites.fract_transf_matrix[3][3]   0.00662007 
_atom_sites.fract_transf_vector[1]      -0.556487 
_atom_sites.fract_transf_vector[2]      0.449221 
_atom_sites.fract_transf_vector[3]      0.018714 
_atom_sites.solution_primary            ? 
_atom_sites.solution_secondary          ? 
_atom_sites.solution_hydrogens          ? 
_atom_sites.special_details             ? 
# 
loop_
_atom_type.symbol 
_atom_type.scat_dispersion_real 
_atom_type.scat_dispersion_imag 
_atom_type.scat_Cromer_Mann_a1 
_atom_type.scat_Cromer_Mann_a2 
_atom_type.scat_Cromer_Mann_a3 
_atom_type.scat_Cromer_Mann_a4 
_atom_type.scat_Cromer_Mann_b1 
_atom_type.scat_Cromer_Mann_b2 
_atom_type.scat_Cromer_Mann_b3 
_atom_type.scat_Cromer_Mann_b4 
_atom_type.scat_Cromer_Mann_c 
_atom_type.scat_source 
_atom_type.scat_dispersion_source 
C  ? ? 3.54356  2.42580 ? ? 25.62398 1.50364  ? ? 0.0 
;2-Gaussian fit: Grosse-Kunstleve RW, Sauter NK, Adams PD: Newsletter of the IUCr Commission on Crystallographic Computing 2004, 3, 22-31.
;
? 
N  ? ? 4.01032  2.96436 ? ? 19.97189 1.75589  ? ? 0.0 
;2-Gaussian fit: Grosse-Kunstleve RW, Sauter NK, Adams PD: Newsletter of the IUCr Commission on Crystallographic Computing 2004, 3, 22-31.
;
? 
O  ? ? 7.96527  ?       ? ? 9.05267  ?        ? ? 0.0 
;1-Gaussian fit: Grosse-Kunstleve RW, Sauter NK, Adams PD: Newsletter of the IUCr Commission on Crystallographic Computing 2004, 3, 22-31.
;
? 
P  ? ? 9.51135  5.44231 ? ? 1.42069  35.72801 ? ? 0.0 
;2-Gaussian fit: Grosse-Kunstleve RW, Sauter NK, Adams PD: Newsletter of the IUCr Commission on Crystallographic Computing 2004, 3, 22-31.
;
? 
SR ? ? 32.18652 5.63919 ? ? 2.35430  57.90393 ? ? 0.0 
;2-Gaussian fit: Grosse-Kunstleve RW, Sauter NK, Adams PD: Newsletter of the IUCr Commission on Crystallographic Computing 2004, 3, 22-31.
;
? 
# 
loop_
_atom_site.group_PDB 
_atom_site.id 
_atom_site.type_symbol 
_atom_site.label_atom_id 
_atom_site.label_alt_id 
_atom_site.label_comp_id 
_atom_site.label_asym_id 
_atom_site.label_entity_id 
_atom_site.label_seq_id 
_atom_site.pdbx_PDB_ins_code 
_atom_site.Cartn_x 
_atom_site.Cartn_y 
_atom_site.Cartn_z 
_atom_site.occupancy 
_atom_site.B_iso_or_equiv 
_atom_site.pdbx_formal_charge 
_atom_site.auth_seq_id 
_atom_site.auth_comp_id 
_atom_site.auth_asym_id 
_atom_site.auth_atom_id 
_atom_site.pdbx_PDB_model_num 
ATOM   1   O  "O5'" . DG A 1 1  ? 5.13407   22.15391  7.35157   1.000 96.71057  ? 1   DG A "O5'" 1 
ATOM   2   C  "C5'" . DG A 1 1  ? 4.58909   23.45421  7.18244   1.000 89.51363  ? 1   DG A "C5'" 1 
ATOM   3   C  "C4'" . DG A 1 1  ? 3.24836   23.58277  7.89164   1.000 92.87191  ? 1   DG A "C4'" 1 
ATOM   4   O  "O4'" . DG A 1 1  ? 2.61045   24.82021  7.46028   1.000 92.19159  ? 1   DG A "O4'" 1 
ATOM   5   C  "C3'" . DG A 1 1  ? 2.22930   22.46777  7.59291   1.000 91.30026  ? 1   DG A "C3'" 1 
ATOM   6   O  "O3'" . DG A 1 1  ? 2.28083   21.42681  8.59566   1.000 93.96587  ? 1   DG A "O3'" 1 
ATOM   7   C  "C2'" . DG A 1 1  ? 0.90058   23.21855  7.64214   1.000 91.51345  ? 1   DG A "C2'" 1 
ATOM   8   C  "C1'" . DG A 1 1  ? 1.28753   24.55387  7.01894   1.000 91.59489  ? 1   DG A "C1'" 1 
ATOM   9   N  N9    . DG A 1 1  ? 1.25144   24.54349  5.55398   1.000 87.48057  ? 1   DG A N9    1 
ATOM   10  C  C8    . DG A 1 1  ? 2.32303   24.46606  4.69604   1.000 90.98062  ? 1   DG A C8    1 
ATOM   11  N  N7    . DG A 1 1  ? 1.98477   24.47173  3.43410   1.000 90.98211  ? 1   DG A N7    1 
ATOM   12  C  C5    . DG A 1 1  ? 0.60020   24.56259  3.45474   1.000 87.90849  ? 1   DG A C5    1 
ATOM   13  C  C6    . DG A 1 1  ? -0.31969  24.61028  2.38309   1.000 89.44194  ? 1   DG A C6    1 
ATOM   14  O  O6    . DG A 1 1  ? -0.07688  24.58335  1.16051   1.000 88.35686  ? 1   DG A O6    1 
ATOM   15  N  N1    . DG A 1 1  ? -1.63872  24.70332  2.84281   1.000 87.26949  ? 1   DG A N1    1 
ATOM   16  C  C2    . DG A 1 1  ? -2.01017  24.74115  4.17440   1.000 87.39163  ? 1   DG A C2    1 
ATOM   17  N  N2    . DG A 1 1  ? -3.32765  24.82702  4.42973   1.000 85.03308  ? 1   DG A N2    1 
ATOM   18  N  N3    . DG A 1 1  ? -1.15116  24.69576  5.18450   1.000 84.75607  ? 1   DG A N3    1 
ATOM   19  C  C4    . DG A 1 1  ? 0.13069   24.60745  4.75274   1.000 84.59143  ? 1   DG A C4    1 
ATOM   20  P  P     . DG A 1 2  ? 1.83369   19.92265  8.22809   1.000 92.46000  ? 2   DG A P     1 
ATOM   21  O  OP1   . DG A 1 2  ? 1.85594   19.10024  9.46222   1.000 92.09799  ? 2   DG A OP1   1 
ATOM   22  O  OP2   . DG A 1 2  ? 2.67368   19.52599  7.08180   1.000 93.66694  ? 2   DG A OP2   1 
ATOM   23  O  "O5'" . DG A 1 2  ? 0.30303   20.05425  7.76736   1.000 82.80171  ? 2   DG A "O5'" 1 
ATOM   24  C  "C5'" . DG A 1 2  ? -0.73325  19.89451  8.72379   1.000 82.80439  ? 2   DG A "C5'" 1 
ATOM   25  C  "C4'" . DG A 1 2  ? -2.09034  20.28471  8.15854   1.000 86.75517  ? 2   DG A "C4'" 1 
ATOM   26  O  "O4'" . DG A 1 2  ? -1.97372  21.49590  7.37587   1.000 92.20940  ? 2   DG A "O4'" 1 
ATOM   27  C  "C3'" . DG A 1 2  ? -2.73084  19.27124  7.22023   1.000 88.93258  ? 2   DG A "C3'" 1 
ATOM   28  O  "O3'" . DG A 1 2  ? -3.46074  18.31415  7.94713   1.000 92.87953  ? 2   DG A "O3'" 1 
ATOM   29  C  "C2'" . DG A 1 2  ? -3.65631  20.15008  6.39880   1.000 90.12388  ? 2   DG A "C2'" 1 
ATOM   30  C  "C1'" . DG A 1 2  ? -2.81204  21.40413  6.23412   1.000 90.46069  ? 2   DG A "C1'" 1 
ATOM   31  N  N9    . DG A 1 2  ? -1.97598  21.39569  5.03800   1.000 90.89792  ? 2   DG A N9    1 
ATOM   32  C  C8    . DG A 1 2  ? -0.61158  21.22664  4.97747   1.000 90.35470  ? 2   DG A C8    1 
ATOM   33  N  N7    . DG A 1 2  ? -0.13520  21.26090  3.76060   1.000 88.57893  ? 2   DG A N7    1 
ATOM   34  C  C5    . DG A 1 2  ? -1.25856  21.44731  2.96230   1.000 90.93283  ? 2   DG A C5    1 
ATOM   35  C  C6    . DG A 1 2  ? -1.37095  21.55737  1.55371   1.000 90.42368  ? 2   DG A C6    1 
ATOM   36  O  O6    . DG A 1 2  ? -0.46626  21.51116  0.70312   1.000 93.74348  ? 2   DG A O6    1 
ATOM   37  N  N1    . DG A 1 2  ? -2.69695  21.74143  1.15704   1.000 89.23926  ? 2   DG A N1    1 
ATOM   38  C  C2    . DG A 1 2  ? -3.77590  21.80656  2.01440   1.000 92.16998  ? 2   DG A C2    1 
ATOM   39  N  N2    . DG A 1 2  ? -4.97947  21.98421  1.44894   1.000 93.44112  ? 2   DG A N2    1 
ATOM   40  N  N3    . DG A 1 2  ? -3.68276  21.70393  3.33404   1.000 93.65586  ? 2   DG A N3    1 
ATOM   41  C  C4    . DG A 1 2  ? -2.40000  21.52596  3.73600   1.000 92.57991  ? 2   DG A C4    1 
ATOM   42  P  P     . DT A 1 3  ? -3.55815  16.80012  7.41478   1.000 97.96797  ? 3   DT A P     1 
ATOM   43  O  OP1   . DT A 1 3  ? -4.20203  15.98388  8.47622   1.000 96.79943  ? 3   DT A OP1   1 
ATOM   44  O  OP2   . DT A 1 3  ? -2.21101  16.44566  6.89883   1.000 89.29264  ? 3   DT A OP2   1 
ATOM   45  O  "O5'" . DT A 1 3  ? -4.52913  16.88432  6.13938   1.000 91.30802  ? 3   DT A "O5'" 1 
ATOM   46  C  "C5'" . DT A 1 3  ? -5.86549  17.35382  6.29251   1.000 88.65793  ? 3   DT A "C5'" 1 
ATOM   47  C  "C4'" . DT A 1 3  ? -6.49787  17.62787  4.94245   1.000 86.76713  ? 3   DT A "C4'" 1 
ATOM   48  O  "O4'" . DT A 1 3  ? -5.73512  18.64330  4.25644   1.000 94.40714  ? 3   DT A "O4'" 1 
ATOM   49  C  "C3'" . DT A 1 3  ? -6.47234  16.46258  3.97825   1.000 89.00547  ? 3   DT A "C3'" 1 
ATOM   50  O  "O3'" . DT A 1 3  ? -7.54562  15.60513  4.21869   1.000 93.55695  ? 3   DT A "O3'" 1 
ATOM   51  C  "C2'" . DT A 1 3  ? -6.62125  17.15998  2.64082   1.000 93.01884  ? 3   DT A "C2'" 1 
ATOM   52  C  "C1'" . DT A 1 3  ? -5.76070  18.39359  2.85616   1.000 92.47867  ? 3   DT A "C1'" 1 
ATOM   53  N  N1    . DT A 1 3  ? -4.37956  18.19797  2.37238   1.000 89.27319  ? 3   DT A N1    1 
ATOM   54  C  C2    . DT A 1 3  ? -4.13569  18.30352  1.02792   1.000 92.27484  ? 3   DT A C2    1 
ATOM   55  O  O2    . DT A 1 3  ? -5.00329  18.58069  0.21553   1.000 92.22551  ? 3   DT A O2    1 
ATOM   56  N  N3    . DT A 1 3  ? -2.83054  18.09873  0.66231   1.000 94.26212  ? 3   DT A N3    1 
ATOM   57  C  C4    . DT A 1 3  ? -1.76963  17.78640  1.49178   1.000 93.10197  ? 3   DT A C4    1 
ATOM   58  O  O4    . DT A 1 3  ? -0.62647  17.62045  1.06205   1.000 88.05689  ? 3   DT A O4    1 
ATOM   59  C  C5    . DT A 1 3  ? -2.10373  17.66997  2.89875   1.000 91.48711  ? 3   DT A C5    1 
ATOM   60  C  C7    . DT A 1 3  ? -1.04445  17.33268  3.90520   1.000 93.60218  ? 3   DT A C7    1 
ATOM   61  C  C6    . DT A 1 3  ? -3.37953  17.87361  3.26310   1.000 88.95953  ? 3   DT A C6    1 
ATOM   62  P  P     . DG A 1 4  ? -7.36446  14.02617  4.00587   1.000 97.16808  ? 4   DG A P     1 
ATOM   63  O  OP1   . DG A 1 4  ? -8.53656  13.36939  4.63389   1.000 78.45684  ? 4   DG A OP1   1 
ATOM   64  O  OP2   . DG A 1 4  ? -5.97642  13.67140  4.38886   1.000 91.59528  ? 4   DG A OP2   1 
ATOM   65  O  "O5'" . DG A 1 4  ? -7.39312  13.84830  2.41660   1.000 96.04739  ? 4   DG A "O5'" 1 
ATOM   66  C  "C5'" . DG A 1 4  ? -8.58055  14.10598  1.69293   1.000 94.82369  ? 4   DG A "C5'" 1 
ATOM   67  C  "C4'" . DG A 1 4  ? -8.26523  14.25257  0.22468   1.000 87.56945  ? 4   DG A "C4'" 1 
ATOM   68  O  "O4'" . DG A 1 4  ? -7.21875  15.22253  0.06584   1.000 93.31009  ? 4   DG A "O4'" 1 
ATOM   69  C  "C3'" . DG A 1 4  ? -7.68502  13.01241  -0.42613  1.000 92.82438  ? 4   DG A "C3'" 1 
ATOM   70  O  "O3'" . DG A 1 4  ? -8.70327  12.13616  -0.81830  1.000 96.05483  ? 4   DG A "O3'" 1 
ATOM   71  C  "C2'" . DG A 1 4  ? -7.00589  13.59169  -1.64823  1.000 96.39198  ? 4   DG A "C2'" 1 
ATOM   72  C  "C1'" . DG A 1 4  ? -6.53142  14.94178  -1.14036  1.000 96.80777  ? 4   DG A "C1'" 1 
ATOM   73  N  N9    . DG A 1 4  ? -5.09829  14.98873  -0.93807  1.000 94.80941  ? 4   DG A N9    1 
ATOM   74  C  C8    . DG A 1 4  ? -4.39268  14.78792  0.22307   1.000 93.34653  ? 4   DG A C8    1 
ATOM   75  N  N7    . DG A 1 4  ? -3.09837  14.88058  0.05574   1.000 90.43535  ? 4   DG A N7    1 
ATOM   76  C  C5    . DG A 1 4  ? -2.95318  15.12845  -1.30615  1.000 89.25333  ? 4   DG A C5    1 
ATOM   77  C  C6    . DG A 1 4  ? -1.79097  15.31694  -2.08725  1.000 90.12844  ? 4   DG A C6    1 
ATOM   78  O  O6    . DG A 1 4  ? -0.60855  15.30569  -1.72260  1.000 91.67661  ? 4   DG A O6    1 
ATOM   79  N  N1    . DG A 1 4  ? -2.10420  15.53740  -3.42740  1.000 91.57275  ? 4   DG A N1    1 
ATOM   80  C  C2    . DG A 1 4  ? -3.37985  15.57174  -3.94249  1.000 90.14233  ? 4   DG A C2    1 
ATOM   81  N  N2    . DG A 1 4  ? -3.49182  15.79932  -5.25513  1.000 91.01458  ? 4   DG A N2    1 
ATOM   82  N  N3    . DG A 1 4  ? -4.46649  15.39910  -3.22394  1.000 87.39609  ? 4   DG A N3    1 
ATOM   83  C  C4    . DG A 1 4  ? -4.17741  15.18364  -1.92115  1.000 90.88841  ? 4   DG A C4    1 
ATOM   84  P  P     . DG A 1 5  ? -8.36512  10.58710  -1.07131  1.000 100.87799 ? 5   DG A P     1 
ATOM   85  O  OP1   . DG A 1 5  ? -9.67758  9.93732   -1.26298  1.000 107.92163 ? 5   DG A OP1   1 
ATOM   86  O  OP2   . DG A 1 5  ? -7.42944  10.11550  -0.02442  1.000 108.60004 ? 5   DG A OP2   1 
ATOM   87  O  "O5'" . DG A 1 5  ? -7.56223  10.56127  -2.45429  1.000 91.49253  ? 5   DG A "O5'" 1 
ATOM   88  C  "C5'" . DG A 1 5  ? -8.24994  10.65879  -3.67658  1.000 91.15933  ? 5   DG A "C5'" 1 
ATOM   89  C  "C4'" . DG A 1 5  ? -7.28072  10.84113  -4.83935  1.000 94.62357  ? 5   DG A "C4'" 1 
ATOM   90  O  "O4'" . DG A 1 5  ? -6.48398  12.03549  -4.64044  1.000 92.43495  ? 5   DG A "O4'" 1 
ATOM   91  C  "C3'" . DG A 1 5  ? -6.23834  9.74903   -5.02958  1.000 92.05666  ? 5   DG A "C3'" 1 
ATOM   92  O  "O3'" . DG A 1 5  ? -6.82425  8.61749   -5.66931  1.000 91.42396  ? 5   DG A "O3'" 1 
ATOM   93  C  "C2'" . DG A 1 5  ? -5.24627  10.46367  -5.92803  1.000 88.92263  ? 5   DG A "C2'" 1 
ATOM   94  C  "C1'" . DG A 1 5  ? -5.25002  11.87196  -5.32024  1.000 89.26175  ? 5   DG A "C1'" 1 
ATOM   95  N  N9    . DG A 1 5  ? -4.17561  12.06890  -4.37074  1.000 88.26763  ? 5   DG A N9    1 
ATOM   96  C  C8    . DG A 1 5  ? -4.25862  12.05856  -2.99925  1.000 92.97925  ? 5   DG A C8    1 
ATOM   97  N  N7    . DG A 1 5  ? -3.10758  12.22197  -2.41279  1.000 95.77004  ? 5   DG A N7    1 
ATOM   98  C  C5    . DG A 1 5  ? -2.20727  12.30660  -3.46699  1.000 92.94752  ? 5   DG A C5    1 
ATOM   99  C  C6    . DG A 1 5  ? -0.80768  12.47678  -3.45833  1.000 94.38237  ? 5   DG A C6    1 
ATOM   100 O  O6    . DG A 1 5  ? -0.05390  12.59245  -2.48225  1.000 99.28957  ? 5   DG A O6    1 
ATOM   101 N  N1    . DG A 1 5  ? -0.28764  12.50174  -4.74968  1.000 93.79258  ? 5   DG A N1    1 
ATOM   102 C  C2    . DG A 1 5  ? -1.03123  12.38182  -5.89811  1.000 89.01642  ? 5   DG A C2    1 
ATOM   103 N  N2    . DG A 1 5  ? -0.35837  12.43524  -7.05307  1.000 91.02551  ? 5   DG A N2    1 
ATOM   104 N  N3    . DG A 1 5  ? -2.33823  12.22436  -5.91588  1.000 84.40179  ? 5   DG A N3    1 
ATOM   105 C  C4    . DG A 1 5  ? -2.85532  12.19665  -4.67193  1.000 87.16145  ? 5   DG A C4    1 
ATOM   106 P  P     . DG A 1 6  ? -6.15257  7.16108   -5.55145  1.000 90.51811  ? 6   DG A P     1 
ATOM   107 O  OP1   . DG A 1 6  ? -7.01668  6.20688   -6.27669  1.000 94.53176  ? 6   DG A OP1   1 
ATOM   108 O  OP2   . DG A 1 6  ? -5.84264  6.92678   -4.12039  1.000 91.54994  ? 6   DG A OP2   1 
ATOM   109 O  "O5'" . DG A 1 6  ? -4.78486  7.28543   -6.36081  1.000 82.52573  ? 6   DG A "O5'" 1 
ATOM   110 C  "C5'" . DG A 1 6  ? -4.82011  7.45123   -7.76639  1.000 83.58649  ? 6   DG A "C5'" 1 
ATOM   111 C  "C4'" . DG A 1 6  ? -3.42995  7.71175   -8.28533  1.000 86.12571  ? 6   DG A "C4'" 1 
ATOM   112 O  "O4'" . DG A 1 6  ? -2.91829  8.92146   -7.69738  1.000 86.83369  ? 6   DG A "O4'" 1 
ATOM   113 C  "C3'" . DG A 1 6  ? -2.40935  6.65286   -7.94569  1.000 85.80328  ? 6   DG A "C3'" 1 
ATOM   114 O  "O3'" . DG A 1 6  ? -2.51226  5.57554   -8.88476  1.000 87.10988  ? 6   DG A "O3'" 1 
ATOM   115 C  "C2'" . DG A 1 6  ? -1.10832  7.43364   -8.07749  1.000 85.52276  ? 6   DG A "C2'" 1 
ATOM   116 C  "C1'" . DG A 1 6  ? -1.51680  8.81462   -7.53245  1.000 87.61502  ? 6   DG A "C1'" 1 
ATOM   117 N  N9    . DG A 1 6  ? -1.23639  9.02835   -6.11440  1.000 89.05617  ? 6   DG A N9    1 
ATOM   118 C  C8    . DG A 1 6  ? -2.16241  9.09248   -5.10729  1.000 90.52752  ? 6   DG A C8    1 
ATOM   119 N  N7    . DG A 1 6  ? -1.64338  9.31026   -3.93541  1.000 94.93275  ? 6   DG A N7    1 
ATOM   120 C  C5    . DG A 1 6  ? -0.28424  9.40955   -4.17876  1.000 94.43161  ? 6   DG A C5    1 
ATOM   121 C  C6    . DG A 1 6  ? 0.78287   9.64370   -3.28184  1.000 100.35919 ? 6   DG A C6    1 
ATOM   122 O  O6    . DG A 1 6  ? 0.73364   9.81250   -2.04834  1.000 107.29032 ? 6   DG A O6    1 
ATOM   123 N  N1    . DG A 1 6  ? 2.00390   9.67608   -3.94287  1.000 98.08238  ? 6   DG A N1    1 
ATOM   124 C  C2    . DG A 1 6  ? 2.16865   9.49900   -5.29371  1.000 97.06524  ? 6   DG A C2    1 
ATOM   125 N  N2    . DG A 1 6  ? 3.42598   9.55850   -5.74950  1.000 101.48259 ? 6   DG A N2    1 
ATOM   126 N  N3    . DG A 1 6  ? 1.17606   9.27720   -6.14074  1.000 91.54185  ? 6   DG A N3    1 
ATOM   127 C  C4    . DG A 1 6  ? -0.01635  9.24804   -5.51792  1.000 89.23312  ? 6   DG A C4    1 
ATOM   128 P  P     . DG A 1 7  ? -1.79103  4.17823   -8.57015  1.000 96.33587  ? 7   DG A P     1 
ATOM   129 O  OP1   . DG A 1 7  ? -2.29028  3.13814   -9.50382  1.000 92.99959  ? 7   DG A OP1   1 
ATOM   130 O  OP2   . DG A 1 7  ? -1.91672  3.96569   -7.11823  1.000 99.03115  ? 7   DG A OP2   1 
ATOM   131 O  "O5'" . DG A 1 7  ? -0.25784  4.46412   -8.90366  1.000 93.05007  ? 7   DG A "O5'" 1 
ATOM   132 C  "C5'" . DG A 1 7  ? 0.74406   3.61800   -8.38745  1.000 99.77126  ? 7   DG A "C5'" 1 
ATOM   133 C  "C4'" . DG A 1 7  ? 2.07843   4.33039   -8.42423  1.000 105.06631 ? 7   DG A "C4'" 1 
ATOM   134 O  "O4'" . DG A 1 7  ? 1.96082   5.64247   -7.82988  1.000 102.49770 ? 7   DG A "O4'" 1 
ATOM   135 C  "C3'" . DG A 1 7  ? 3.19448   3.63546   -7.66511  1.000 108.01335 ? 7   DG A "C3'" 1 
ATOM   136 O  "O3'" . DG A 1 7  ? 3.80340   2.65533   -8.49644  1.000 105.99102 ? 7   DG A "O3'" 1 
ATOM   137 C  "C2'" . DG A 1 7  ? 4.13829   4.80119   -7.36215  1.000 105.46748 ? 7   DG A "C2'" 1 
ATOM   138 C  "C1'" . DG A 1 7  ? 3.15291   5.96099   -7.13173  1.000 105.55190 ? 7   DG A "C1'" 1 
ATOM   139 N  N9    . DG A 1 7  ? 2.82701   6.24482   -5.73528  1.000 106.32479 ? 7   DG A N9    1 
ATOM   140 C  C8    . DG A 1 7  ? 1.57804   6.22714   -5.15969  1.000 102.77708 ? 7   DG A C8    1 
ATOM   141 N  N7    . DG A 1 7  ? 1.58124   6.55615   -3.89754  1.000 106.46231 ? 7   DG A N7    1 
ATOM   142 C  C5    . DG A 1 7  ? 2.91359   6.83944   -3.62316  1.000 110.79079 ? 7   DG A C5    1 
ATOM   143 C  C6    . DG A 1 7  ? 3.52465   7.26251   -2.41782  1.000 115.45776 ? 7   DG A C6    1 
ATOM   144 O  O6    . DG A 1 7  ? 2.98848   7.46835   -1.31124  1.000 115.61497 ? 7   DG A O6    1 
ATOM   145 N  N1    . DG A 1 7  ? 4.90118   7.44456   -2.57916  1.000 114.98560 ? 7   DG A N1    1 
ATOM   146 C  C2    . DG A 1 7  ? 5.59245   7.24148   -3.75438  1.000 108.14922 ? 7   DG A C2    1 
ATOM   147 N  N2    . DG A 1 7  ? 6.91179   7.46426   -3.71178  1.000 107.95441 ? 7   DG A N2    1 
ATOM   148 N  N3    . DG A 1 7  ? 5.02977   6.84859   -4.88948  1.000 104.75847 ? 7   DG A N3    1 
ATOM   149 C  C4    . DG A 1 7  ? 3.69283   6.66806   -4.75066  1.000 108.52438 ? 7   DG A C4    1 
ATOM   150 P  P     . DC A 1 8  ? 4.14532   1.20251   -7.90345  1.000 106.56705 ? 8   DC A P     1 
ATOM   151 O  OP1   . DC A 1 8  ? 4.29945   0.26281   -9.03561  1.000 116.53268 ? 8   DC A OP1   1 
ATOM   152 O  OP2   . DC A 1 8  ? 3.15236   0.90670   -6.84935  1.000 105.25818 ? 8   DC A OP2   1 
ATOM   153 O  "O5'" . DC A 1 8  ? 5.57268   1.41676   -7.22324  1.000 105.97139 ? 8   DC A "O5'" 1 
ATOM   154 C  "C5'" . DC A 1 8  ? 6.59168   2.04851   -7.96652  1.000 108.78172 ? 8   DC A "C5'" 1 
ATOM   155 C  "C4'" . DC A 1 8  ? 7.71450   2.52043   -7.07093  1.000 107.57788 ? 8   DC A "C4'" 1 
ATOM   156 O  "O4'" . DC A 1 8  ? 7.29246   3.66948   -6.31211  1.000 106.52585 ? 8   DC A "O4'" 1 
ATOM   157 C  "C3'" . DC A 1 8  ? 8.16087   1.52812   -6.02790  1.000 108.05663 ? 8   DC A "C3'" 1 
ATOM   158 O  "O3'" . DC A 1 8  ? 9.04026   0.59360   -6.61624  1.000 115.61149 ? 8   DC A "O3'" 1 
ATOM   159 C  "C2'" . DC A 1 8  ? 8.88084   2.44289   -5.04787  1.000 107.86125 ? 8   DC A "C2'" 1 
ATOM   160 C  "C1'" . DC A 1 8  ? 7.99671   3.69548   -5.08583  1.000 109.96067 ? 8   DC A "C1'" 1 
ATOM   161 N  N1    . DC A 1 8  ? 7.00831   3.74787   -3.98671  1.000 115.43136 ? 8   DC A N1    1 
ATOM   162 C  C2    . DC A 1 8  ? 7.40559   4.19780   -2.72533  1.000 122.38521 ? 8   DC A C2    1 
ATOM   163 O  O2    . DC A 1 8  ? 8.58237   4.54928   -2.55599  1.000 124.28437 ? 8   DC A O2    1 
ATOM   164 N  N3    . DC A 1 8  ? 6.48782   4.23523   -1.71951  1.000 124.02907 ? 8   DC A N3    1 
ATOM   165 C  C4    . DC A 1 8  ? 5.22902   3.84685   -1.94600  1.000 119.68851 ? 8   DC A C4    1 
ATOM   166 N  N4    . DC A 1 8  ? 4.35975   3.90264   -0.92699  1.000 118.67418 ? 8   DC A N4    1 
ATOM   167 C  C5    . DC A 1 8  ? 4.80817   3.38499   -3.22911  1.000 114.52216 ? 8   DC A C5    1 
ATOM   168 C  C6    . DC A 1 8  ? 5.72200   3.35238   -4.21014  1.000 113.48639 ? 8   DC A C6    1 
ATOM   169 P  P     . DC A 1 9  ? 8.73611   -0.98154  -6.51947  1.000 125.03265 ? 9   DC A P     1 
ATOM   170 O  OP1   . DC A 1 9  ? 8.96293   -1.60047  -7.84482  1.000 126.13145 ? 9   DC A OP1   1 
ATOM   171 O  OP2   . DC A 1 9  ? 7.40979   -1.14119  -5.88256  1.000 118.90376 ? 9   DC A OP2   1 
ATOM   172 O  "O5'" . DC A 1 9  ? 9.85181   -1.50169  -5.49954  1.000 126.00859 ? 9   DC A "O5'" 1 
ATOM   173 C  "C5'" . DC A 1 9  ? 9.64469   -1.35279  -4.10322  1.000 129.81635 ? 9   DC A "C5'" 1 
ATOM   174 C  "C4'" . DC A 1 9  ? 10.88536  -0.82630  -3.39622  1.000 127.78961 ? 9   DC A "C4'" 1 
ATOM   175 O  "O4'" . DC A 1 9  ? 10.75464  0.61277   -3.19940  1.000 121.86523 ? 9   DC A "O4'" 1 
ATOM   176 C  "C3'" . DC A 1 9  ? 11.08959  -1.39814  -1.99595  1.000 131.26031 ? 9   DC A "C3'" 1 
ATOM   177 O  "O3'" . DC A 1 9  ? 11.91218  -2.54644  -2.05019  1.000 132.99740 ? 9   DC A "O3'" 1 
ATOM   178 C  "C2'" . DC A 1 9  ? 11.75229  -0.24105  -1.26308  1.000 126.71873 ? 9   DC A "C2'" 1 
ATOM   179 C  "C1'" . DC A 1 9  ? 10.95298  0.92351   -1.83066  1.000 126.02540 ? 9   DC A "C1'" 1 
ATOM   180 N  N1    . DC A 1 9  ? 9.59554   1.10899   -1.17547  1.000 129.47865 ? 9   DC A N1    1 
ATOM   181 C  C2    . DC A 1 9  ? 9.51521   1.56472   0.14611   1.000 129.52417 ? 9   DC A C2    1 
ATOM   182 O  O2    . DC A 1 9  ? 10.56121  1.81187   0.76521   1.000 129.00181 ? 9   DC A O2    1 
ATOM   183 N  N3    . DC A 1 9  ? 8.28437   1.72902   0.71086   1.000 127.16268 ? 9   DC A N3    1 
ATOM   184 C  C4    . DC A 1 9  ? 7.18028   1.45302   0.00725   1.000 123.98742 ? 9   DC A C4    1 
ATOM   185 N  N4    . DC A 1 9  ? 5.99536   1.62763   0.59783   1.000 123.89856 ? 9   DC A N4    1 
ATOM   186 C  C5    . DC A 1 9  ? 7.24401   0.98720   -1.33320  1.000 122.78948 ? 9   DC A C5    1 
ATOM   187 C  C6    . DC A 1 9  ? 8.45255   0.83967   -1.88029  1.000 126.31378 ? 9   DC A C6    1 
ATOM   188 P  P     . DG A 1 10 ? 11.25312  -4.00738  -1.90314  1.000 137.64623 ? 10  DG A P     1 
ATOM   189 O  OP1   . DG A 1 10 ? 12.09475  -4.96676  -2.64756  1.000 135.07467 ? 10  DG A OP1   1 
ATOM   190 O  OP2   . DG A 1 10 ? 9.80746   -3.91667  -2.21452  1.000 138.97339 ? 10  DG A OP2   1 
ATOM   191 O  "O5'" . DG A 1 10 ? 11.36080  -4.30874  -0.34282  1.000 138.34797 ? 10  DG A "O5'" 1 
ATOM   192 C  "C5'" . DG A 1 10 ? 12.44364  -3.78399  0.40565   1.000 138.25192 ? 10  DG A "C5'" 1 
ATOM   193 C  "C4'" . DG A 1 10 ? 11.99449  -3.44385  1.80958   1.000 139.17794 ? 10  DG A "C4'" 1 
ATOM   194 O  "O4'" . DG A 1 10 ? 11.30912  -2.16018  1.79820   1.000 136.68762 ? 10  DG A "O4'" 1 
ATOM   195 C  "C3'" . DG A 1 10 ? 10.97933  -4.40762  2.40875   1.000 140.77803 ? 10  DG A "C3'" 1 
ATOM   196 O  "O3'" . DG A 1 10 ? 11.62472  -5.56606  2.97439   1.000 139.36914 ? 10  DG A "O3'" 1 
ATOM   197 C  "C2'" . DG A 1 10 ? 10.33929  -3.52250  3.46830   1.000 140.23138 ? 10  DG A "C2'" 1 
ATOM   198 C  "C1'" . DG A 1 10 ? 10.20293  -2.20961  2.69462   1.000 138.84588 ? 10  DG A "C1'" 1 
ATOM   199 N  N9    . DG A 1 10 ? 8.95225   -2.11744  1.92638   1.000 138.50571 ? 10  DG A N9    1 
ATOM   200 C  C8    . DG A 1 10 ? 8.72320   -2.57421  0.64476   1.000 139.15347 ? 10  DG A C8    1 
ATOM   201 N  N7    . DG A 1 10 ? 7.50386   -2.36272  0.22235   1.000 138.23088 ? 10  DG A N7    1 
ATOM   202 C  C5    . DG A 1 10 ? 6.88008   -1.72677  1.29024   1.000 138.33874 ? 10  DG A C5    1 
ATOM   203 C  C6    . DG A 1 10 ? 5.55059   -1.25513  1.41863   1.000 136.58458 ? 10  DG A C6    1 
ATOM   204 O  O6    . DG A 1 10 ? 4.63109   -1.30564  0.58029   1.000 134.60869 ? 10  DG A O6    1 
ATOM   205 N  N1    . DG A 1 10 ? 5.33260   -0.67015  2.67020   1.000 131.47297 ? 10  DG A N1    1 
ATOM   206 C  C2    . DG A 1 10 ? 6.27807   -0.56450  3.66869   1.000 127.80205 ? 10  DG A C2    1 
ATOM   207 N  N2    . DG A 1 10 ? 5.88421   0.02485   4.80394   1.000 125.01430 ? 10  DG A N2    1 
ATOM   208 N  N3    . DG A 1 10 ? 7.52416   -1.00129  3.55984   1.000 128.66579 ? 10  DG A N3    1 
ATOM   209 C  C4    . DG A 1 10 ? 7.75600   -1.57071  2.34958   1.000 135.44177 ? 10  DG A C4    1 
ATOM   210 P  P     . DG A 1 11 ? 10.82683  -6.96383  3.10168   1.000 140.37245 ? 11  DG A P     1 
ATOM   211 O  OP1   . DG A 1 11 ? 11.82264  -8.05415  3.19677   1.000 132.88383 ? 11  DG A OP1   1 
ATOM   212 O  OP2   . DG A 1 11 ? 9.79358   -7.02039  2.04101   1.000 137.31964 ? 11  DG A OP2   1 
ATOM   213 O  "O5'" . DG A 1 11 ? 10.07418  -6.83995  4.50798   1.000 134.84375 ? 11  DG A "O5'" 1 
ATOM   214 C  "C5'" . DG A 1 11 ? 10.81324  -6.48871  5.67277   1.000 134.82453 ? 11  DG A "C5'" 1 
ATOM   215 C  "C4'" . DG A 1 11 ? 9.88765   -6.07737  6.80352   1.000 133.75792 ? 11  DG A "C4'" 1 
ATOM   216 O  "O4'" . DG A 1 11 ? 9.35411   -4.75384  6.54783   1.000 132.23229 ? 11  DG A "O4'" 1 
ATOM   217 C  "C3'" . DG A 1 11 ? 8.66607   -6.95486  6.98084   1.000 131.23848 ? 11  DG A "C3'" 1 
ATOM   218 O  "O3'" . DG A 1 11 ? 8.98523   -8.07419  7.77666   1.000 131.85995 ? 11  DG A "O3'" 1 
ATOM   219 C  "C2'" . DG A 1 11 ? 7.71137   -6.00742  7.69012   1.000 128.18989 ? 11  DG A "C2'" 1 
ATOM   220 C  "C1'" . DG A 1 11 ? 7.99328   -4.70494  6.94873   1.000 131.17196 ? 11  DG A "C1'" 1 
ATOM   221 N  N9    . DG A 1 11 ? 7.16590   -4.52275  5.75730   1.000 134.76123 ? 11  DG A N9    1 
ATOM   222 C  C8    . DG A 1 11 ? 7.46353   -4.90930  4.46966   1.000 135.41573 ? 11  DG A C8    1 
ATOM   223 N  N7    . DG A 1 11 ? 6.53160   -4.61021  3.60486   1.000 134.19523 ? 11  DG A N7    1 
ATOM   224 C  C5    . DG A 1 11 ? 5.55106   -3.98698  4.36640   1.000 133.70433 ? 11  DG A C5    1 
ATOM   225 C  C6    . DG A 1 11 ? 4.30101   -3.44577  3.97768   1.000 129.84294 ? 11  DG A C6    1 
ATOM   226 O  O6    . DG A 1 11 ? 3.79554   -3.41020  2.84151   1.000 125.76828 ? 11  DG A O6    1 
ATOM   227 N  N1    . DG A 1 11 ? 3.61516   -2.90746  5.06947   1.000 130.66852 ? 11  DG A N1    1 
ATOM   228 C  C2    . DG A 1 11 ? 4.08109   -2.89746  6.36926   1.000 128.16448 ? 11  DG A C2    1 
ATOM   229 N  N2    . DG A 1 11 ? 3.28112   -2.33869  7.28651   1.000 124.70304 ? 11  DG A N2    1 
ATOM   230 N  N3    . DG A 1 11 ? 5.24744   -3.40156  6.74337   1.000 128.97547 ? 11  DG A N3    1 
ATOM   231 C  C4    . DG A 1 11 ? 5.92752   -3.92685  5.69547   1.000 133.49335 ? 11  DG A C4    1 
ATOM   232 P  P     . DC A 1 12 ? 8.32982   -9.49687  7.43303   1.000 127.75320 ? 12  DC A P     1 
ATOM   233 O  OP1   . DC A 1 12 ? 8.61151   -10.40351 8.56717   1.000 132.72466 ? 12  DC A OP1   1 
ATOM   234 O  OP2   . DC A 1 12 ? 8.73810   -9.88717  6.06329   1.000 121.91063 ? 12  DC A OP2   1 
ATOM   235 O  "O5'" . DC A 1 12 ? 6.76946   -9.17457  7.41181   1.000 127.24506 ? 12  DC A "O5'" 1 
ATOM   236 C  "C5'" . DC A 1 12 ? 5.89242   -9.92398  8.21604   1.000 127.74690 ? 12  DC A "C5'" 1 
ATOM   237 C  "C4'" . DC A 1 12 ? 5.06220   -9.02668  9.11672   1.000 127.52780 ? 12  DC A "C4'" 1 
ATOM   238 O  "O4'" . DC A 1 12 ? 5.29114   -7.62825  8.77209   1.000 127.03847 ? 12  DC A "O4'" 1 
ATOM   239 C  "C3'" . DC A 1 12 ? 3.56913   -9.23505  8.96790   1.000 124.97892 ? 12  DC A "C3'" 1 
ATOM   240 O  "O3'" . DC A 1 12 ? 3.13135   -10.18566 9.89719   1.000 125.31210 ? 12  DC A "O3'" 1 
ATOM   241 C  "C2'" . DC A 1 12 ? 3.01799   -7.84762  9.28185   1.000 123.91833 ? 12  DC A "C2'" 1 
ATOM   242 C  "C1'" . DC A 1 12 ? 4.04828   -6.96907  8.58542   1.000 128.33390 ? 12  DC A "C1'" 1 
ATOM   243 N  N1    . DC A 1 12 ? 3.79283   -6.80504  7.09532   1.000 131.86935 ? 12  DC A N1    1 
ATOM   244 C  C2    . DC A 1 12 ? 2.61403   -6.17772  6.64305   1.000 126.34034 ? 12  DC A C2    1 
ATOM   245 O  O2    . DC A 1 12 ? 1.79423   -5.74906  7.46869   1.000 125.60718 ? 12  DC A O2    1 
ATOM   246 N  N3    . DC A 1 12 ? 2.40696   -6.05418  5.30274   1.000 121.51232 ? 12  DC A N3    1 
ATOM   247 C  C4    . DC A 1 12 ? 3.30927   -6.52306  4.43680   1.000 122.22545 ? 12  DC A C4    1 
ATOM   248 N  N4    . DC A 1 12 ? 3.06166   -6.37583  3.12835   1.000 119.46928 ? 12  DC A N4    1 
ATOM   249 C  C5    . DC A 1 12 ? 4.50567   -7.16339  4.87457   1.000 128.70679 ? 12  DC A C5    1 
ATOM   250 C  C6    . DC A 1 12 ? 4.70473   -7.28005  6.19470   1.000 130.61081 ? 12  DC A C6    1 
ATOM   251 P  P     . DC A 1 13 ? 2.44247   -11.53542 9.36785   1.000 132.07064 ? 13  DC A P     1 
ATOM   252 O  OP1   . DC A 1 13 ? 2.32335   -12.47311 10.51019  1.000 140.07680 ? 13  DC A OP1   1 
ATOM   253 O  OP2   . DC A 1 13 ? 3.19933   -11.94635 8.16549   1.000 126.22504 ? 13  DC A OP2   1 
ATOM   254 O  "O5'" . DC A 1 13 ? 0.98008   -11.07462 8.90036   1.000 128.88788 ? 13  DC A "O5'" 1 
ATOM   255 C  "C5'" . DC A 1 13 ? 0.12815   -10.42257 9.82769   1.000 128.94048 ? 13  DC A "C5'" 1 
ATOM   256 C  "C4'" . DC A 1 13 ? -1.10854  -9.82891  9.16343   1.000 124.61277 ? 13  DC A "C4'" 1 
ATOM   257 O  "O4'" . DC A 1 13 ? -0.74651  -8.67393  8.36273   1.000 120.25555 ? 13  DC A "O4'" 1 
ATOM   258 C  "C3'" . DC A 1 13 ? -1.81752  -10.73954 8.17930   1.000 119.75651 ? 13  DC A "C3'" 1 
ATOM   259 O  "O3'" . DC A 1 13 ? -2.66567  -11.63628 8.86685   1.000 119.51909 ? 13  DC A "O3'" 1 
ATOM   260 C  "C2'" . DC A 1 13 ? -2.62331  -9.73003  7.37192   1.000 112.83378 ? 13  DC A "C2'" 1 
ATOM   261 C  "C1'" . DC A 1 13 ? -1.62824  -8.57799  7.24753   1.000 114.08111 ? 13  DC A "C1'" 1 
ATOM   262 N  N1    . DC A 1 13 ? -0.84354  -8.59878  5.97451   1.000 110.91900 ? 13  DC A N1    1 
ATOM   263 C  C2    . DC A 1 13 ? -1.46253  -8.20521  4.78406   1.000 108.63674 ? 13  DC A C2    1 
ATOM   264 O  O2    . DC A 1 13 ? -2.64369  -7.83778  4.81581   1.000 108.75241 ? 13  DC A O2    1 
ATOM   265 N  N3    . DC A 1 13 ? -0.74870  -8.22683  3.62940   1.000 105.52683 ? 13  DC A N3    1 
ATOM   266 C  C4    . DC A 1 13 ? 0.52069   -8.62587  3.63891   1.000 107.04888 ? 13  DC A C4    1 
ATOM   267 N  N4    . DC A 1 13 ? 1.18246   -8.63254  2.47656   1.000 105.03218 ? 13  DC A N4    1 
ATOM   268 C  C5    . DC A 1 13 ? 1.16830   -9.03762  4.84218   1.000 114.31860 ? 13  DC A C5    1 
ATOM   269 C  C6    . DC A 1 13 ? 0.45436   -9.01041  5.97579   1.000 115.56000 ? 13  DC A C6    1 
ATOM   270 P  P     . DC A 1 14 ? -3.07011  -13.03371 8.18852   1.000 118.27872 ? 14  DC A P     1 
ATOM   271 O  OP1   . DC A 1 14 ? -3.69809  -13.88827 9.22417   1.000 123.08522 ? 14  DC A OP1   1 
ATOM   272 O  OP2   . DC A 1 14 ? -1.90867  -13.52761 7.41342   1.000 117.07668 ? 14  DC A OP2   1 
ATOM   273 O  "O5'" . DC A 1 14 ? -4.17104  -12.57960 7.14109   1.000 108.77283 ? 14  DC A "O5'" 1 
ATOM   274 C  "C5'" . DC A 1 14 ? -5.33234  -11.95810 7.60973   1.000 108.74021 ? 14  DC A "C5'" 1 
ATOM   275 C  "C4'" . DC A 1 14 ? -6.18868  -11.51104 6.45697   1.000 105.52016 ? 14  DC A "C4'" 1 
ATOM   276 O  "O4'" . DC A 1 14 ? -5.51888  -10.41421 5.77618   1.000 97.24973  ? 14  DC A "O4'" 1 
ATOM   277 C  "C3'" . DC A 1 14 ? -6.39093  -12.54081 5.36116   1.000 105.47299 ? 14  DC A "C3'" 1 
ATOM   278 O  "O3'" . DC A 1 14 ? -7.44709  -13.43236 5.69382   1.000 102.64719 ? 14  DC A "O3'" 1 
ATOM   279 C  "C2'" . DC A 1 14 ? -6.75063  -11.65727 4.18464   1.000 101.10855 ? 14  DC A "C2'" 1 
ATOM   280 C  "C1'" . DC A 1 14 ? -5.78093  -10.50363 4.38037   1.000 96.82876  ? 14  DC A "C1'" 1 
ATOM   281 N  N1    . DC A 1 14 ? -4.50927  -10.68156 3.63930   1.000 96.72224  ? 14  DC A N1    1 
ATOM   282 C  C2    . DC A 1 14 ? -4.50022  -10.49778 2.25463   1.000 96.42528  ? 14  DC A C2    1 
ATOM   283 O  O2    . DC A 1 14 ? -5.55810  -10.20485 1.68121   1.000 93.60302  ? 14  DC A O2    1 
ATOM   284 N  N3    . DC A 1 14 ? -3.33541  -10.65754 1.57604   1.000 97.26791  ? 14  DC A N3    1 
ATOM   285 C  C4    . DC A 1 14 ? -2.21961  -10.97483 2.23206   1.000 97.52681  ? 14  DC A C4    1 
ATOM   286 N  N4    . DC A 1 14 ? -1.09471  -11.11582 1.52170   1.000 94.77031  ? 14  DC A N4    1 
ATOM   287 C  C5    . DC A 1 14 ? -2.20954  -11.16510 3.64650   1.000 103.55693 ? 14  DC A C5    1 
ATOM   288 C  C6    . DC A 1 14 ? -3.36612  -11.00776 4.30387   1.000 103.13131 ? 14  DC A C6    1 
ATOM   289 P  P     . DC A 1 15 ? -7.39686  -14.95969 5.19636   1.000 107.28093 ? 15  DC A P     1 
ATOM   290 O  OP1   . DC A 1 15 ? -8.44307  -15.70263 5.93862   1.000 119.46448 ? 15  DC A OP1   1 
ATOM   291 O  OP2   . DC A 1 15 ? -5.98541  -15.39810 5.28524   1.000 109.01321 ? 15  DC A OP2   1 
ATOM   292 O  "O5'" . DC A 1 15 ? -7.77970  -14.87265 3.63852   1.000 87.72780  ? 15  DC A "O5'" 1 
ATOM   293 C  "C5'" . DC A 1 15 ? -8.93667  -14.15249 3.24053   1.000 86.10638  ? 15  DC A "C5'" 1 
ATOM   294 C  "C4'" . DC A 1 15 ? -8.88186  -13.79861 1.76825   1.000 88.55918  ? 15  DC A "C4'" 1 
ATOM   295 O  "O4'" . DC A 1 15 ? -7.76189  -12.92471 1.51064   1.000 93.29488  ? 15  DC A "O4'" 1 
ATOM   296 C  "C3'" . DC A 1 15 ? -8.64434  -14.97341 0.85903   1.000 85.78028  ? 15  DC A "C3'" 1 
ATOM   297 O  "O3'" . DC A 1 15 ? -9.85459  -15.60017 0.60162   1.000 86.72555  ? 15  DC A "O3'" 1 
ATOM   298 C  "C2'" . DC A 1 15 ? -8.09340  -14.30382 -0.39103  1.000 83.75198  ? 15  DC A "C2'" 1 
ATOM   299 C  "C1'" . DC A 1 15 ? -7.26228  -13.16574 0.20439   1.000 88.35037  ? 15  DC A "C1'" 1 
ATOM   300 N  N1    . DC A 1 15 ? -5.79892  -13.45561 0.27720   1.000 89.28454  ? 15  DC A N1    1 
ATOM   301 C  C2    . DC A 1 15 ? -5.05984  -13.53704 -0.90550  1.000 90.82833  ? 15  DC A C2    1 
ATOM   302 O  O2    . DC A 1 15 ? -5.63342  -13.35998 -1.98438  1.000 92.45546  ? 15  DC A O2    1 
ATOM   303 N  N3    . DC A 1 15 ? -3.73139  -13.79307 -0.83814  1.000 90.79731  ? 15  DC A N3    1 
ATOM   304 C  C4    . DC A 1 15 ? -3.14765  -13.97336 0.34060   1.000 92.41526  ? 15  DC A C4    1 
ATOM   305 N  N4    . DC A 1 15 ? -1.83523  -14.23048 0.34845   1.000 94.42097  ? 15  DC A N4    1 
ATOM   306 C  C5    . DC A 1 15 ? -3.88346  -13.89959 1.56430   1.000 91.18452  ? 15  DC A C5    1 
ATOM   307 C  C6    . DC A 1 15 ? -5.19533  -13.64229 1.48545   1.000 91.17083  ? 15  DC A C6    1 
ATOM   308 P  P     . DA A 1 16 ? -9.87837  -17.18728 0.45366   1.000 86.07570  ? 16  DA A P     1 
ATOM   309 O  OP1   . DA A 1 16 ? -11.19444 -17.57420 -0.09674  1.000 87.57033  ? 16  DA A OP1   1 
ATOM   310 O  OP2   . DA A 1 16 ? -9.44886  -17.71749 1.76377   1.000 88.04040  ? 16  DA A OP2   1 
ATOM   311 O  "O5'" . DA A 1 16 ? -8.74922  -17.47670 -0.64310  1.000 79.34344  ? 16  DA A "O5'" 1 
ATOM   312 C  "C5'" . DA A 1 16 ? -9.04978  -18.27921 -1.75951  1.000 78.36401  ? 16  DA A "C5'" 1 
ATOM   313 C  "C4'" . DA A 1 16 ? -8.44692  -17.70237 -3.01532  1.000 79.82926  ? 16  DA A "C4'" 1 
ATOM   314 O  "O4'" . DA A 1 16 ? -7.50858  -16.67824 -2.65877  1.000 84.90747  ? 16  DA A "O4'" 1 
ATOM   315 C  "C3'" . DA A 1 16 ? -7.63299  -18.68006 -3.83015  1.000 80.41461  ? 16  DA A "C3'" 1 
ATOM   316 O  "O3'" . DA A 1 16 ? -8.47290  -19.37308 -4.66866  1.000 87.25677  ? 16  DA A "O3'" 1 
ATOM   317 C  "C2'" . DA A 1 16 ? -6.68824  -17.78276 -4.60432  1.000 80.71202  ? 16  DA A "C2'" 1 
ATOM   318 C  "C1'" . DA A 1 16 ? -6.47559  -16.62838 -3.63044  1.000 87.74560  ? 16  DA A "C1'" 1 
ATOM   319 N  N9    . DA A 1 16 ? -5.20261  -16.67930 -2.92636  1.000 89.99132  ? 16  DA A N9    1 
ATOM   320 C  C8    . DA A 1 16 ? -5.01708  -16.83240 -1.58049  1.000 91.14692  ? 16  DA A C8    1 
ATOM   321 N  N7    . DA A 1 16 ? -3.75755  -16.84238 -1.21450  1.000 91.12704  ? 16  DA A N7    1 
ATOM   322 C  C5    . DA A 1 16 ? -3.06844  -16.70184 -2.40301  1.000 91.82694  ? 16  DA A C5    1 
ATOM   323 C  C6    . DA A 1 16 ? -1.69466  -16.64306 -2.69523  1.000 94.03498  ? 16  DA A C6    1 
ATOM   324 N  N6    . DA A 1 16 ? -0.73598  -16.72247 -1.76010  1.000 93.31840  ? 16  DA A N6    1 
ATOM   325 N  N1    . DA A 1 16 ? -1.34304  -16.49820 -3.99080  1.000 97.14610  ? 16  DA A N1    1 
ATOM   326 C  C2    . DA A 1 16 ? -2.30997  -16.41655 -4.92257  1.000 96.17304  ? 16  DA A C2    1 
ATOM   327 N  N3    . DA A 1 16 ? -3.63138  -16.46268 -4.76768  1.000 91.58811  ? 16  DA A N3    1 
ATOM   328 C  C4    . DA A 1 16 ? -3.94698  -16.60614 -3.47293  1.000 90.28645  ? 16  DA A C4    1 
ATOM   329 P  P     . DC A 1 17 ? -8.20096  -20.92589 -4.93173  1.000 94.58994  ? 17  DC A P     1 
ATOM   330 O  OP1   . DC A 1 17 ? -9.42933  -21.50673 -5.51918  1.000 96.13259  ? 17  DC A OP1   1 
ATOM   331 O  OP2   . DC A 1 17 ? -7.62633  -21.48502 -3.68971  1.000 80.75476  ? 17  DC A OP2   1 
ATOM   332 O  "O5'" . DC A 1 17 ? -7.02685  -20.90316 -5.99564  1.000 84.04610  ? 17  DC A "O5'" 1 
ATOM   333 C  "C5'" . DC A 1 17 ? -7.26920  -20.29200 -7.22046  1.000 86.61938  ? 17  DC A "C5'" 1 
ATOM   334 C  "C4'" . DC A 1 17 ? -5.98193  -20.06462 -7.95170  1.000 100.55940 ? 17  DC A "C4'" 1 
ATOM   335 O  "O4'" . DC A 1 17 ? -5.19245  -19.10991 -7.21696  1.000 102.23563 ? 17  DC A "O4'" 1 
ATOM   336 C  "C3'" . DC A 1 17 ? -5.09677  -21.28601 -8.06847  1.000 101.51173 ? 17  DC A "C3'" 1 
ATOM   337 O  "O3'" . DC A 1 17 ? -5.49410  -22.02968 -9.20711  1.000 110.87099 ? 17  DC A "O3'" 1 
ATOM   338 C  "C2'" . DC A 1 17 ? -3.71867  -20.66436 -8.24199  1.000 101.51580 ? 17  DC A "C2'" 1 
ATOM   339 C  "C1'" . DC A 1 17 ? -3.82155  -19.40913 -7.37099  1.000 98.55949  ? 17  DC A "C1'" 1 
ATOM   340 N  N1    . DC A 1 17 ? -3.26528  -19.59676 -6.02929  1.000 88.88605  ? 17  DC A N1    1 
ATOM   341 C  C2    . DC A 1 17 ? -1.89696  -19.49641 -5.84075  1.000 92.23328  ? 17  DC A C2    1 
ATOM   342 O  O2    . DC A 1 17 ? -1.18109  -19.24975 -6.81493  1.000 97.46186  ? 17  DC A O2    1 
ATOM   343 N  N3    . DC A 1 17 ? -1.38943  -19.66639 -4.59545  1.000 91.28598  ? 17  DC A N3    1 
ATOM   344 C  C4    . DC A 1 17 ? -2.20477  -19.92611 -3.57515  1.000 92.76273  ? 17  DC A C4    1 
ATOM   345 N  N4    . DC A 1 17 ? -1.66134  -20.08936 -2.36164  1.000 90.47726  ? 17  DC A N4    1 
ATOM   346 C  C5    . DC A 1 17 ? -3.61425  -20.03176 -3.75450  1.000 94.86386  ? 17  DC A C5    1 
ATOM   347 C  C6    . DC A 1 17 ? -4.09389  -19.86198 -4.98812  1.000 90.76264  ? 17  DC A C6    1 
ATOM   348 P  P     . DC A 1 18 ? -5.25712  -23.61645 -9.29863  1.000 121.65977 ? 18  DC A P     1 
ATOM   349 O  OP1   . DC A 1 18 ? -6.11781  -24.15456 -10.37818 1.000 127.52187 ? 18  DC A OP1   1 
ATOM   350 O  OP2   . DC A 1 18 ? -5.28046  -24.17772 -7.92248  1.000 99.81553  ? 18  DC A OP2   1 
ATOM   351 O  "O5'" . DC A 1 18 ? -3.77588  -23.71108 -9.84421  1.000 111.71275 ? 18  DC A "O5'" 1 
ATOM   352 C  "C5'" . DC A 1 18 ? -3.43762  -22.98218 -11.01020 1.000 111.48795 ? 18  DC A "C5'" 1 
ATOM   353 C  "C4'" . DC A 1 18 ? -1.94359  -22.95318 -11.16486 1.000 112.67622 ? 18  DC A "C4'" 1 
ATOM   354 O  "O4'" . DC A 1 18 ? -1.36287  -22.36111 -9.96883  1.000 105.78481 ? 18  DC A "O4'" 1 
ATOM   355 C  "C3'" . DC A 1 18 ? -1.30175  -24.32760 -11.29825 1.000 115.98988 ? 18  DC A "C3'" 1 
ATOM   356 O  "O3'" . DC A 1 18 ? -0.24685  -24.25995 -12.25085 1.000 126.35115 ? 18  DC A "O3'" 1 
ATOM   357 C  "C2'" . DC A 1 18 ? -0.79156  -24.61671 -9.88833  1.000 99.40998  ? 18  DC A "C2'" 1 
ATOM   358 C  "C1'" . DC A 1 18 ? -0.37858  -23.22834 -9.44753  1.000 97.88467  ? 18  DC A "C1'" 1 
ATOM   359 N  N1    . DC A 1 18 ? -0.34434  -23.06126 -7.98008  1.000 89.53560  ? 18  DC A N1    1 
ATOM   360 C  C2    . DC A 1 18 ? 0.86441   -22.74940 -7.34692  1.000 90.27461  ? 18  DC A C2    1 
ATOM   361 O  O2    . DC A 1 18 ? 1.88955   -22.63775 -8.02660  1.000 91.45933  ? 18  DC A O2    1 
ATOM   362 N  N3    . DC A 1 18 ? 0.88072   -22.58623 -6.00374  1.000 88.83076  ? 18  DC A N3    1 
ATOM   363 C  C4    . DC A 1 18 ? -0.24519  -22.71548 -5.30556  1.000 92.26836  ? 18  DC A C4    1 
ATOM   364 N  N4    . DC A 1 18 ? -0.18110  -22.54449 -3.97839  1.000 91.01390  ? 18  DC A N4    1 
ATOM   365 C  C5    . DC A 1 18 ? -1.48945  -23.02601 -5.93633  1.000 96.58473  ? 18  DC A C5    1 
ATOM   366 C  C6    . DC A 1 18 ? -1.49115  -23.18669 -7.26313  1.000 92.63184  ? 18  DC A C6    1 
HETATM 367 SR SR    . SR B 2 .  ? 1.98524   -4.29490  -1.24420  1.000 145.20040 ? 101 SR A SR    1 
# 
